data_3HZ7
# 
_entry.id   3HZ7 
# 
_audit_conform.dict_name       mmcif_pdbx.dic 
_audit_conform.dict_version    5.399 
_audit_conform.dict_location   http://mmcif.pdb.org/dictionaries/ascii/mmcif_pdbx.dic 
# 
loop_
_database_2.database_id 
_database_2.database_code 
_database_2.pdbx_database_accession 
_database_2.pdbx_DOI 
PDB   3HZ7         pdb_00003hz7 10.2210/pdb3hz7/pdb 
RCSB  RCSB053763   ?            ?                   
WWPDB D_1000053763 ?            ?                   
# 
loop_
_pdbx_audit_revision_history.ordinal 
_pdbx_audit_revision_history.data_content_type 
_pdbx_audit_revision_history.major_revision 
_pdbx_audit_revision_history.minor_revision 
_pdbx_audit_revision_history.revision_date 
1 'Structure model' 1 0 2009-07-07 
2 'Structure model' 1 1 2011-07-13 
3 'Structure model' 1 2 2017-11-01 
4 'Structure model' 1 3 2019-07-24 
5 'Structure model' 2 0 2024-11-20 
# 
_pdbx_audit_revision_details.ordinal             1 
_pdbx_audit_revision_details.revision_ordinal    1 
_pdbx_audit_revision_details.data_content_type   'Structure model' 
_pdbx_audit_revision_details.provider            repository 
_pdbx_audit_revision_details.type                'Initial release' 
_pdbx_audit_revision_details.description         ? 
_pdbx_audit_revision_details.details             ? 
# 
loop_
_pdbx_audit_revision_group.ordinal 
_pdbx_audit_revision_group.revision_ordinal 
_pdbx_audit_revision_group.data_content_type 
_pdbx_audit_revision_group.group 
1  2 'Structure model' 'Version format compliance' 
2  3 'Structure model' 'Refinement description'    
3  4 'Structure model' 'Data collection'           
4  4 'Structure model' 'Derived calculations'      
5  4 'Structure model' 'Refinement description'    
6  5 'Structure model' Advisory                    
7  5 'Structure model' 'Atomic model'              
8  5 'Structure model' 'Data collection'           
9  5 'Structure model' 'Database references'       
10 5 'Structure model' 'Derived calculations'      
11 5 'Structure model' 'Non-polymer description'   
12 5 'Structure model' 'Polymer sequence'          
13 5 'Structure model' 'Source and taxonomy'       
14 5 'Structure model' 'Structure summary'         
# 
loop_
_pdbx_audit_revision_category.ordinal 
_pdbx_audit_revision_category.revision_ordinal 
_pdbx_audit_revision_category.data_content_type 
_pdbx_audit_revision_category.category 
1  3 'Structure model' software                   
2  4 'Structure model' software                   
3  4 'Structure model' struct_conn                
4  5 'Structure model' atom_site                  
5  5 'Structure model' chem_comp                  
6  5 'Structure model' chem_comp_atom             
7  5 'Structure model' chem_comp_bond             
8  5 'Structure model' database_2                 
9  5 'Structure model' entity                     
10 5 'Structure model' entity_poly                
11 5 'Structure model' entity_poly_seq            
12 5 'Structure model' entity_src_gen             
13 5 'Structure model' pdbx_distant_solvent_atoms 
14 5 'Structure model' pdbx_entity_nonpoly        
15 5 'Structure model' pdbx_entry_details         
16 5 'Structure model' pdbx_modification_feature  
17 5 'Structure model' pdbx_nonpoly_scheme        
18 5 'Structure model' pdbx_poly_seq_scheme       
19 5 'Structure model' pdbx_struct_assembly_gen   
20 5 'Structure model' pdbx_struct_mod_residue    
21 5 'Structure model' struct_asym                
22 5 'Structure model' struct_conn                
23 5 'Structure model' struct_mon_prot_cis        
24 5 'Structure model' struct_ref                 
25 5 'Structure model' struct_ref_seq             
26 5 'Structure model' struct_ref_seq_dif         
27 5 'Structure model' struct_site                
28 5 'Structure model' struct_site_gen            
# 
loop_
_pdbx_audit_revision_item.ordinal 
_pdbx_audit_revision_item.revision_ordinal 
_pdbx_audit_revision_item.data_content_type 
_pdbx_audit_revision_item.item 
1  3 'Structure model' '_software.name'                                 
2  4 'Structure model' '_software.contact_author'                       
3  4 'Structure model' '_software.contact_author_email'                 
4  4 'Structure model' '_software.language'                             
5  4 'Structure model' '_software.location'                             
6  4 'Structure model' '_software.name'                                 
7  4 'Structure model' '_software.type'                                 
8  4 'Structure model' '_software.version'                              
9  4 'Structure model' '_struct_conn.pdbx_leaving_atom_flag'            
10 5 'Structure model' '_atom_site.B_iso_or_equiv'                      
11 5 'Structure model' '_atom_site.Cartn_x'                             
12 5 'Structure model' '_atom_site.Cartn_y'                             
13 5 'Structure model' '_atom_site.Cartn_z'                             
14 5 'Structure model' '_atom_site.auth_atom_id'                        
15 5 'Structure model' '_atom_site.auth_comp_id'                        
16 5 'Structure model' '_atom_site.auth_seq_id'                         
17 5 'Structure model' '_atom_site.group_PDB'                           
18 5 'Structure model' '_atom_site.label_asym_id'                       
19 5 'Structure model' '_atom_site.label_atom_id'                       
20 5 'Structure model' '_atom_site.label_comp_id'                       
21 5 'Structure model' '_atom_site.label_entity_id'                     
22 5 'Structure model' '_atom_site.label_seq_id'                        
23 5 'Structure model' '_atom_site.type_symbol'                         
24 5 'Structure model' '_chem_comp.formula'                             
25 5 'Structure model' '_chem_comp.formula_weight'                      
26 5 'Structure model' '_chem_comp.id'                                  
27 5 'Structure model' '_chem_comp.mon_nstd_flag'                       
28 5 'Structure model' '_chem_comp.name'                                
29 5 'Structure model' '_chem_comp.type'                                
30 5 'Structure model' '_database_2.pdbx_DOI'                           
31 5 'Structure model' '_database_2.pdbx_database_accession'            
32 5 'Structure model' '_entity_poly.pdbx_seq_one_letter_code'          
33 5 'Structure model' '_entity_poly_seq.mon_id'                        
34 5 'Structure model' '_entity_src_gen.pdbx_beg_seq_num'               
35 5 'Structure model' '_entity_src_gen.pdbx_end_seq_num'               
36 5 'Structure model' '_entity_src_gen.pdbx_gene_src_gene'             
37 5 'Structure model' '_entity_src_gen.pdbx_seq_type'                  
38 5 'Structure model' '_pdbx_entry_details.has_protein_modification'   
39 5 'Structure model' '_pdbx_poly_seq_scheme.mon_id'                   
40 5 'Structure model' '_pdbx_poly_seq_scheme.pdb_mon_id'               
41 5 'Structure model' '_pdbx_struct_assembly_gen.asym_id_list'         
42 5 'Structure model' '_struct_mon_prot_cis.auth_comp_id'              
43 5 'Structure model' '_struct_mon_prot_cis.label_comp_id'             
44 5 'Structure model' '_struct_ref.db_code'                            
45 5 'Structure model' '_struct_ref.pdbx_db_accession'                  
46 5 'Structure model' '_struct_ref_seq.pdbx_db_accession'              
47 5 'Structure model' '_struct_ref_seq_dif.details'                    
48 5 'Structure model' '_struct_ref_seq_dif.pdbx_seq_db_accession_code' 
# 
_pdbx_database_status.entry_id                        3HZ7 
_pdbx_database_status.deposit_site                    RCSB 
_pdbx_database_status.process_site                    RCSB 
_pdbx_database_status.recvd_initial_deposition_date   2009-06-23 
_pdbx_database_status.status_code                     REL 
_pdbx_database_status.status_code_sf                  REL 
_pdbx_database_status.status_code_mr                  ? 
_pdbx_database_status.SG_entry                        Y 
_pdbx_database_status.pdb_format_compatible           Y 
_pdbx_database_status.status_code_cs                  ? 
_pdbx_database_status.methods_development_category    ? 
_pdbx_database_status.status_code_nmr_data            ? 
# 
_pdbx_database_related.db_name        TargetDB 
_pdbx_database_related.db_id          DhR2A 
_pdbx_database_related.details        . 
_pdbx_database_related.content_type   unspecified 
# 
loop_
_audit_author.name 
_audit_author.pdbx_ordinal 
'Forouhar, F.'                                    1  
'Lew, S.'                                         2  
'Seetharaman, J.'                                 3  
'Sahdev, S.'                                      4  
'Xiao, R.'                                        5  
'Ciccosanti, C.'                                  6  
'Maglaqui, M.'                                    7  
'Everett, J.K.'                                   8  
'Nair, R.'                                        9  
'Acton, T.B.'                                     10 
'Rost, B.'                                        11 
'Montelione, G.T.'                                12 
'Tong, L.'                                        13 
'Hunt, J.F.'                                      14 
'Northeast Structural Genomics Consortium (NESG)' 15 
# 
_citation.id                        primary 
_citation.title                     'Northeast Structural Genomics Consortium Target DhR2A' 
_citation.journal_abbrev            'To be Published' 
_citation.journal_volume            ? 
_citation.page_first                ? 
_citation.page_last                 ? 
_citation.year                      ? 
_citation.journal_id_ASTM           ? 
_citation.country                   ? 
_citation.journal_id_ISSN           ? 
_citation.journal_id_CSD            0353 
_citation.book_publisher            ? 
_citation.pdbx_database_id_PubMed   ? 
_citation.pdbx_database_id_DOI      ? 
# 
loop_
_citation_author.citation_id 
_citation_author.name 
_citation_author.ordinal 
_citation_author.identifier_ORCID 
primary 'Forouhar, F.'     1  ? 
primary 'Lew, S.'          2  ? 
primary 'Seetharaman, J.'  3  ? 
primary 'Sahdev, S.'       4  ? 
primary 'Xiao, R.'         5  ? 
primary 'Ciccosanti, C.'   6  ? 
primary 'Maglaqui, M.'     7  ? 
primary 'Everett, J.K.'    8  ? 
primary 'Nair, R.'         9  ? 
primary 'Acton, T.B.'      10 ? 
primary 'Rost, B.'         11 ? 
primary 'Montelione, G.T.' 12 ? 
primary 'Tong, L.'         13 ? 
primary 'Hunt, J.F.'       14 ? 
# 
loop_
_entity.id 
_entity.type 
_entity.src_method 
_entity.pdbx_description 
_entity.formula_weight 
_entity.pdbx_number_of_molecules 
_entity.pdbx_ec 
_entity.pdbx_mutation 
_entity.pdbx_fragment 
_entity.details 
1 polymer man 'UPF0033 domain-containing protein' 9583.475 1  ? ? 'sequence database residues 1-79' ? 
2 water   nat water                               18.015   41 ? ? ?                                 ? 
# 
_entity_poly.entity_id                      1 
_entity_poly.type                           'polypeptide(L)' 
_entity_poly.nstd_linkage                   no 
_entity_poly.nstd_monomer                   yes 
_entity_poly.pdbx_seq_one_letter_code       
;(MSE)ITIDALGQV(CSS)PIPVIRAKKALAELGEAGGVVTVLVDNDISRQNLQK(MSE)AEG(MSE)GYQSEYLEKDNG
VIEVTIVAGEGCAVELEHHHHHH
;
_entity_poly.pdbx_seq_one_letter_code_can   
;MITIDALGQVCPIPVIRAKKALAELGEAGGVVTVLVDNDISRQNLQKMAEGMGYQSEYLEKDNGVIEVTIVAGEGCAVEL
EHHHHHH
;
_entity_poly.pdbx_strand_id                 A 
_entity_poly.pdbx_target_identifier         DhR2A 
# 
_pdbx_entity_nonpoly.entity_id   2 
_pdbx_entity_nonpoly.name        water 
_pdbx_entity_nonpoly.comp_id     HOH 
# 
loop_
_entity_poly_seq.entity_id 
_entity_poly_seq.num 
_entity_poly_seq.mon_id 
_entity_poly_seq.hetero 
1 1  MSE n 
1 2  ILE n 
1 3  THR n 
1 4  ILE n 
1 5  ASP n 
1 6  ALA n 
1 7  LEU n 
1 8  GLY n 
1 9  GLN n 
1 10 VAL n 
1 11 CSS n 
1 12 PRO n 
1 13 ILE n 
1 14 PRO n 
1 15 VAL n 
1 16 ILE n 
1 17 ARG n 
1 18 ALA n 
1 19 LYS n 
1 20 LYS n 
1 21 ALA n 
1 22 LEU n 
1 23 ALA n 
1 24 GLU n 
1 25 LEU n 
1 26 GLY n 
1 27 GLU n 
1 28 ALA n 
1 29 GLY n 
1 30 GLY n 
1 31 VAL n 
1 32 VAL n 
1 33 THR n 
1 34 VAL n 
1 35 LEU n 
1 36 VAL n 
1 37 ASP n 
1 38 ASN n 
1 39 ASP n 
1 40 ILE n 
1 41 SER n 
1 42 ARG n 
1 43 GLN n 
1 44 ASN n 
1 45 LEU n 
1 46 GLN n 
1 47 LYS n 
1 48 MSE n 
1 49 ALA n 
1 50 GLU n 
1 51 GLY n 
1 52 MSE n 
1 53 GLY n 
1 54 TYR n 
1 55 GLN n 
1 56 SER n 
1 57 GLU n 
1 58 TYR n 
1 59 LEU n 
1 60 GLU n 
1 61 LYS n 
1 62 ASP n 
1 63 ASN n 
1 64 GLY n 
1 65 VAL n 
1 66 ILE n 
1 67 GLU n 
1 68 VAL n 
1 69 THR n 
1 70 ILE n 
1 71 VAL n 
1 72 ALA n 
1 73 GLY n 
1 74 GLU n 
1 75 GLY n 
1 76 CYS n 
1 77 ALA n 
1 78 VAL n 
1 79 GLU n 
1 80 LEU n 
1 81 GLU n 
1 82 HIS n 
1 83 HIS n 
1 84 HIS n 
1 85 HIS n 
1 86 HIS n 
1 87 HIS n 
# 
_entity_src_gen.entity_id                          1 
_entity_src_gen.pdbx_src_id                        1 
_entity_src_gen.pdbx_alt_source_flag               sample 
_entity_src_gen.pdbx_seq_type                      'Biological sequence' 
_entity_src_gen.pdbx_beg_seq_num                   1 
_entity_src_gen.pdbx_end_seq_num                   87 
_entity_src_gen.gene_src_common_name               ? 
_entity_src_gen.gene_src_genus                     ? 
_entity_src_gen.pdbx_gene_src_gene                 AT727_01915 
_entity_src_gen.gene_src_species                   ? 
_entity_src_gen.gene_src_strain                    Y51 
_entity_src_gen.gene_src_tissue                    ? 
_entity_src_gen.gene_src_tissue_fraction           ? 
_entity_src_gen.gene_src_details                   ? 
_entity_src_gen.pdbx_gene_src_fragment             ? 
_entity_src_gen.pdbx_gene_src_scientific_name      'Desulfitobacterium hafniense' 
_entity_src_gen.pdbx_gene_src_ncbi_taxonomy_id     49338 
_entity_src_gen.pdbx_gene_src_variant              ? 
_entity_src_gen.pdbx_gene_src_cell_line            ? 
_entity_src_gen.pdbx_gene_src_atcc                 ? 
_entity_src_gen.pdbx_gene_src_organ                ? 
_entity_src_gen.pdbx_gene_src_organelle            ? 
_entity_src_gen.pdbx_gene_src_cell                 ? 
_entity_src_gen.pdbx_gene_src_cellular_location    ? 
_entity_src_gen.host_org_common_name               ? 
_entity_src_gen.pdbx_host_org_scientific_name      'Escherichia coli' 
_entity_src_gen.pdbx_host_org_ncbi_taxonomy_id     562 
_entity_src_gen.host_org_genus                     ? 
_entity_src_gen.pdbx_host_org_gene                 ? 
_entity_src_gen.pdbx_host_org_organ                ? 
_entity_src_gen.host_org_species                   ? 
_entity_src_gen.pdbx_host_org_tissue               ? 
_entity_src_gen.pdbx_host_org_tissue_fraction      ? 
_entity_src_gen.pdbx_host_org_strain               'BL21(DE3)+ Magic' 
_entity_src_gen.pdbx_host_org_variant              ? 
_entity_src_gen.pdbx_host_org_cell_line            ? 
_entity_src_gen.pdbx_host_org_atcc                 ? 
_entity_src_gen.pdbx_host_org_culture_collection   ? 
_entity_src_gen.pdbx_host_org_cell                 ? 
_entity_src_gen.pdbx_host_org_organelle            ? 
_entity_src_gen.pdbx_host_org_cellular_location    ? 
_entity_src_gen.pdbx_host_org_vector_type          plasmid 
_entity_src_gen.pdbx_host_org_vector               'pET 21-23C' 
_entity_src_gen.host_org_details                   ? 
_entity_src_gen.expression_system_id               ? 
_entity_src_gen.plasmid_name                       BL21 
_entity_src_gen.plasmid_details                    ? 
_entity_src_gen.pdbx_description                   ? 
# 
loop_
_chem_comp.id 
_chem_comp.type 
_chem_comp.mon_nstd_flag 
_chem_comp.name 
_chem_comp.pdbx_synonyms 
_chem_comp.formula 
_chem_comp.formula_weight 
ALA 'L-peptide linking' y ALANINE            ? 'C3 H7 N O2'     89.093  
ARG 'L-peptide linking' y ARGININE           ? 'C6 H15 N4 O2 1' 175.209 
ASN 'L-peptide linking' y ASPARAGINE         ? 'C4 H8 N2 O3'    132.118 
ASP 'L-peptide linking' y 'ASPARTIC ACID'    ? 'C4 H7 N O4'     133.103 
CSS 'L-peptide linking' n S-MERCAPTOCYSTEINE ? 'C3 H7 N O2 S2'  153.223 
CYS 'L-peptide linking' y CYSTEINE           ? 'C3 H7 N O2 S'   121.158 
GLN 'L-peptide linking' y GLUTAMINE          ? 'C5 H10 N2 O3'   146.144 
GLU 'L-peptide linking' y 'GLUTAMIC ACID'    ? 'C5 H9 N O4'     147.129 
GLY 'peptide linking'   y GLYCINE            ? 'C2 H5 N O2'     75.067  
HIS 'L-peptide linking' y HISTIDINE          ? 'C6 H10 N3 O2 1' 156.162 
HOH non-polymer         . WATER              ? 'H2 O'           18.015  
ILE 'L-peptide linking' y ISOLEUCINE         ? 'C6 H13 N O2'    131.173 
LEU 'L-peptide linking' y LEUCINE            ? 'C6 H13 N O2'    131.173 
LYS 'L-peptide linking' y LYSINE             ? 'C6 H15 N2 O2 1' 147.195 
MSE 'L-peptide linking' n SELENOMETHIONINE   ? 'C5 H11 N O2 Se' 196.106 
PRO 'L-peptide linking' y PROLINE            ? 'C5 H9 N O2'     115.130 
SER 'L-peptide linking' y SERINE             ? 'C3 H7 N O3'     105.093 
THR 'L-peptide linking' y THREONINE          ? 'C4 H9 N O3'     119.119 
TYR 'L-peptide linking' y TYROSINE           ? 'C9 H11 N O3'    181.189 
VAL 'L-peptide linking' y VALINE             ? 'C5 H11 N O2'    117.146 
# 
loop_
_pdbx_poly_seq_scheme.asym_id 
_pdbx_poly_seq_scheme.entity_id 
_pdbx_poly_seq_scheme.seq_id 
_pdbx_poly_seq_scheme.mon_id 
_pdbx_poly_seq_scheme.ndb_seq_num 
_pdbx_poly_seq_scheme.pdb_seq_num 
_pdbx_poly_seq_scheme.auth_seq_num 
_pdbx_poly_seq_scheme.pdb_mon_id 
_pdbx_poly_seq_scheme.auth_mon_id 
_pdbx_poly_seq_scheme.pdb_strand_id 
_pdbx_poly_seq_scheme.pdb_ins_code 
_pdbx_poly_seq_scheme.hetero 
A 1 1  MSE 1  1  1  MSE MSE A . n 
A 1 2  ILE 2  2  2  ILE ILE A . n 
A 1 3  THR 3  3  3  THR THR A . n 
A 1 4  ILE 4  4  4  ILE ILE A . n 
A 1 5  ASP 5  5  5  ASP ASP A . n 
A 1 6  ALA 6  6  6  ALA ALA A . n 
A 1 7  LEU 7  7  7  LEU LEU A . n 
A 1 8  GLY 8  8  8  GLY GLY A . n 
A 1 9  GLN 9  9  9  GLN GLN A . n 
A 1 10 VAL 10 10 10 VAL VAL A . n 
A 1 11 CSS 11 11 11 CSS CYS A . n 
A 1 12 PRO 12 12 12 PRO PRO A . n 
A 1 13 ILE 13 13 13 ILE ILE A . n 
A 1 14 PRO 14 14 14 PRO PRO A . n 
A 1 15 VAL 15 15 15 VAL VAL A . n 
A 1 16 ILE 16 16 16 ILE ILE A . n 
A 1 17 ARG 17 17 17 ARG ARG A . n 
A 1 18 ALA 18 18 18 ALA ALA A . n 
A 1 19 LYS 19 19 19 LYS LYS A . n 
A 1 20 LYS 20 20 20 LYS LYS A . n 
A 1 21 ALA 21 21 21 ALA ALA A . n 
A 1 22 LEU 22 22 22 LEU LEU A . n 
A 1 23 ALA 23 23 23 ALA ALA A . n 
A 1 24 GLU 24 24 24 GLU GLU A . n 
A 1 25 LEU 25 25 25 LEU LEU A . n 
A 1 26 GLY 26 26 26 GLY GLY A . n 
A 1 27 GLU 27 27 27 GLU GLU A . n 
A 1 28 ALA 28 28 28 ALA ALA A . n 
A 1 29 GLY 29 29 29 GLY GLY A . n 
A 1 30 GLY 30 30 30 GLY GLY A . n 
A 1 31 VAL 31 31 31 VAL VAL A . n 
A 1 32 VAL 32 32 32 VAL VAL A . n 
A 1 33 THR 33 33 33 THR THR A . n 
A 1 34 VAL 34 34 34 VAL VAL A . n 
A 1 35 LEU 35 35 35 LEU LEU A . n 
A 1 36 VAL 36 36 36 VAL VAL A . n 
A 1 37 ASP 37 37 37 ASP ASP A . n 
A 1 38 ASN 38 38 38 ASN ASN A . n 
A 1 39 ASP 39 39 39 ASP ASP A . n 
A 1 40 ILE 40 40 40 ILE ILE A . n 
A 1 41 SER 41 41 41 SER SER A . n 
A 1 42 ARG 42 42 42 ARG ARG A . n 
A 1 43 GLN 43 43 43 GLN GLN A . n 
A 1 44 ASN 44 44 44 ASN ASN A . n 
A 1 45 LEU 45 45 45 LEU LEU A . n 
A 1 46 GLN 46 46 46 GLN GLN A . n 
A 1 47 LYS 47 47 47 LYS LYS A . n 
A 1 48 MSE 48 48 48 MSE MSE A . n 
A 1 49 ALA 49 49 49 ALA ALA A . n 
A 1 50 GLU 50 50 50 GLU GLU A . n 
A 1 51 GLY 51 51 51 GLY GLY A . n 
A 1 52 MSE 52 52 52 MSE MSE A . n 
A 1 53 GLY 53 53 53 GLY GLY A . n 
A 1 54 TYR 54 54 54 TYR TYR A . n 
A 1 55 GLN 55 55 55 GLN GLN A . n 
A 1 56 SER 56 56 56 SER SER A . n 
A 1 57 GLU 57 57 57 GLU GLU A . n 
A 1 58 TYR 58 58 58 TYR TYR A . n 
A 1 59 LEU 59 59 59 LEU LEU A . n 
A 1 60 GLU 60 60 60 GLU GLU A . n 
A 1 61 LYS 61 61 61 LYS LYS A . n 
A 1 62 ASP 62 62 62 ASP ASP A . n 
A 1 63 ASN 63 63 63 ASN ASN A . n 
A 1 64 GLY 64 64 64 GLY GLY A . n 
A 1 65 VAL 65 65 65 VAL VAL A . n 
A 1 66 ILE 66 66 66 ILE ILE A . n 
A 1 67 GLU 67 67 67 GLU GLU A . n 
A 1 68 VAL 68 68 68 VAL VAL A . n 
A 1 69 THR 69 69 69 THR THR A . n 
A 1 70 ILE 70 70 70 ILE ILE A . n 
A 1 71 VAL 71 71 71 VAL VAL A . n 
A 1 72 ALA 72 72 72 ALA ALA A . n 
A 1 73 GLY 73 73 73 GLY GLY A . n 
A 1 74 GLU 74 74 74 GLU GLU A . n 
A 1 75 GLY 75 75 ?  ?   ?   A . n 
A 1 76 CYS 76 76 ?  ?   ?   A . n 
A 1 77 ALA 77 77 ?  ?   ?   A . n 
A 1 78 VAL 78 78 ?  ?   ?   A . n 
A 1 79 GLU 79 79 ?  ?   ?   A . n 
A 1 80 LEU 80 80 ?  ?   ?   A . n 
A 1 81 GLU 81 81 ?  ?   ?   A . n 
A 1 82 HIS 82 82 ?  ?   ?   A . n 
A 1 83 HIS 83 83 ?  ?   ?   A . n 
A 1 84 HIS 84 84 ?  ?   ?   A . n 
A 1 85 HIS 85 85 ?  ?   ?   A . n 
A 1 86 HIS 86 86 ?  ?   ?   A . n 
A 1 87 HIS 87 87 ?  ?   ?   A . n 
# 
loop_
_pdbx_nonpoly_scheme.asym_id 
_pdbx_nonpoly_scheme.entity_id 
_pdbx_nonpoly_scheme.mon_id 
_pdbx_nonpoly_scheme.ndb_seq_num 
_pdbx_nonpoly_scheme.pdb_seq_num 
_pdbx_nonpoly_scheme.auth_seq_num 
_pdbx_nonpoly_scheme.pdb_mon_id 
_pdbx_nonpoly_scheme.auth_mon_id 
_pdbx_nonpoly_scheme.pdb_strand_id 
_pdbx_nonpoly_scheme.pdb_ins_code 
B 2 HOH 1  88  1  HOH HOH A . 
B 2 HOH 2  89  2  HOH HOH A . 
B 2 HOH 3  90  3  HOH HOH A . 
B 2 HOH 4  91  4  HOH HOH A . 
B 2 HOH 5  92  5  HOH HOH A . 
B 2 HOH 6  93  6  HOH HOH A . 
B 2 HOH 7  94  7  HOH HOH A . 
B 2 HOH 8  95  8  HOH HOH A . 
B 2 HOH 9  96  9  HOH HOH A . 
B 2 HOH 10 97  10 HOH HOH A . 
B 2 HOH 11 98  11 HOH HOH A . 
B 2 HOH 12 99  12 HOH HOH A . 
B 2 HOH 13 100 13 HOH HOH A . 
B 2 HOH 14 102 14 HOH HOH A . 
B 2 HOH 15 103 15 HOH HOH A . 
B 2 HOH 16 104 16 HOH HOH A . 
B 2 HOH 17 105 17 HOH HOH A . 
B 2 HOH 18 106 18 HOH HOH A . 
B 2 HOH 19 107 19 HOH HOH A . 
B 2 HOH 20 108 20 HOH HOH A . 
B 2 HOH 21 109 21 HOH HOH A . 
B 2 HOH 22 110 22 HOH HOH A . 
B 2 HOH 23 111 23 HOH HOH A . 
B 2 HOH 24 112 24 HOH HOH A . 
B 2 HOH 25 113 25 HOH HOH A . 
B 2 HOH 26 114 26 HOH HOH A . 
B 2 HOH 27 115 27 HOH HOH A . 
B 2 HOH 28 116 28 HOH HOH A . 
B 2 HOH 29 117 29 HOH HOH A . 
B 2 HOH 30 118 30 HOH HOH A . 
B 2 HOH 31 119 31 HOH HOH A . 
B 2 HOH 32 120 32 HOH HOH A . 
B 2 HOH 33 121 33 HOH HOH A . 
B 2 HOH 34 122 34 HOH HOH A . 
B 2 HOH 35 123 35 HOH HOH A . 
B 2 HOH 36 124 36 HOH HOH A . 
B 2 HOH 37 125 37 HOH HOH A . 
B 2 HOH 38 126 38 HOH HOH A . 
B 2 HOH 39 127 39 HOH HOH A . 
B 2 HOH 40 128 40 HOH HOH A . 
B 2 HOH 41 129 41 HOH HOH A . 
# 
loop_
_software.name 
_software.version 
_software.date 
_software.type 
_software.contact_author 
_software.contact_author_email 
_software.classification 
_software.location 
_software.language 
_software.citation_id 
_software.pdbx_ordinal 
CNS         '1.2 & XtalView'     ?                 ?       ?                 ?                        refinement        ? ? ? 1 
PDB_EXTRACT 3.00                 'March. 27, 2007' package PDB               sw-help@rcsb.rutgers.edu 'data extraction' 
http://pdb.rutgers.edu/software/ C++        ? 2 
MAR345dtb   .                    ?                 ?       ?                 ?                        'data collection' ? ? ? 3 
DENZO       .                    ?                 ?       ?                 ?                        'data reduction'  ? ? ? 4 
SCALEPACK   .                    ?                 ?       ?                 ?                        'data scaling'    ? ? ? 5 
SnB         'then SOLVE/RESOLVE' ?                 ?       ?                 ?                        phasing           ? ? ? 6 
REFMAC      .                    ?                 program 'Murshudov, G.N.' ccp4@dl.ac.uk            refinement        
http://www.ccp4.ac.uk/main.html  Fortran_77 ? 7 
# 
_cell.entry_id           3HZ7 
_cell.length_a           46.046 
_cell.length_b           46.046 
_cell.length_c           82.811 
_cell.angle_alpha        90.000 
_cell.angle_beta         90.000 
_cell.angle_gamma        90.000 
_cell.pdbx_unique_axis   ? 
_cell.Z_PDB              8 
_cell.length_a_esd       ? 
_cell.length_b_esd       ? 
_cell.length_c_esd       ? 
_cell.angle_alpha_esd    ? 
_cell.angle_beta_esd     ? 
_cell.angle_gamma_esd    ? 
# 
_symmetry.entry_id                         3HZ7 
_symmetry.space_group_name_H-M             'P 43 21 2' 
_symmetry.Int_Tables_number                96 
_symmetry.pdbx_full_space_group_name_H-M   ? 
_symmetry.cell_setting                     ? 
_symmetry.space_group_name_Hall            ? 
# 
_exptl.crystals_number   1 
_exptl.entry_id          3HZ7 
_exptl.method            'X-RAY DIFFRACTION' 
# 
_exptl_crystal.id                    1 
_exptl_crystal.density_Matthews      2.30 
_exptl_crystal.density_meas          ? 
_exptl_crystal.density_percent_sol   46.47 
_exptl_crystal.description           ? 
_exptl_crystal.F_000                 ? 
_exptl_crystal.preparation           ? 
# 
_exptl_crystal_grow.crystal_id      1 
_exptl_crystal_grow.method          ? 
_exptl_crystal_grow.pH              7 
_exptl_crystal_grow.temp            277 
_exptl_crystal_grow.pdbx_details    
;Protein solution: 100mM NaCl, 5mM DTT, 0.02% NaN3, 10mM Tris-HCl (pH 7.5), Reservoir solution: 100mM Bis-Tris Propane (pH 7), 40% PEG4k, and 100mM calcium chloride, Microbatch, under oil, temperature 277K
;
_exptl_crystal_grow.temp_details    ? 
_exptl_crystal_grow.pdbx_pH_range   ? 
# 
_diffrn.id                     1 
_diffrn.ambient_temp           100 
_diffrn.ambient_temp_details   ? 
_diffrn.crystal_id             1 
# 
_diffrn_detector.diffrn_id              1 
_diffrn_detector.detector               CCD 
_diffrn_detector.type                   'MARMOSAIC 325 mm CCD' 
_diffrn_detector.pdbx_collection_date   2009-05-28 
_diffrn_detector.details                mirrors 
# 
_diffrn_radiation.diffrn_id                        1 
_diffrn_radiation.pdbx_diffrn_protocol             'SINGLE WAVELENGTH' 
_diffrn_radiation.monochromator                    'Si 111 CHANNEL' 
_diffrn_radiation.wavelength_id                    1 
_diffrn_radiation.pdbx_monochromatic_or_laue_m_l   M 
_diffrn_radiation.pdbx_scattering_type             x-ray 
# 
_diffrn_radiation_wavelength.id           1 
_diffrn_radiation_wavelength.wavelength   0.97976 
_diffrn_radiation_wavelength.wt           1.0 
# 
_diffrn_source.diffrn_id                   1 
_diffrn_source.source                      SYNCHROTRON 
_diffrn_source.type                        'SSRL BEAMLINE BL9-2' 
_diffrn_source.pdbx_wavelength_list        0.97976 
_diffrn_source.pdbx_wavelength             ? 
_diffrn_source.pdbx_synchrotron_site       SSRL 
_diffrn_source.pdbx_synchrotron_beamline   BL9-2 
# 
_reflns.entry_id                     3HZ7 
_reflns.B_iso_Wilson_estimate        21.300 
_reflns.observed_criterion_sigma_F   0 
_reflns.observed_criterion_sigma_I   0 
_reflns.d_resolution_high            2.0 
_reflns.d_resolution_low             30 
_reflns.number_all                   11596 
_reflns.number_obs                   11492 
_reflns.percent_possible_obs         99.1 
_reflns.pdbx_Rmerge_I_obs            0.042 
_reflns.pdbx_Rsym_value              0.033 
_reflns.pdbx_netI_over_sigmaI        62.7 
_reflns.pdbx_redundancy              14.3 
_reflns.R_free_details               ? 
_reflns.limit_h_max                  ? 
_reflns.limit_h_min                  ? 
_reflns.limit_k_max                  ? 
_reflns.limit_k_min                  ? 
_reflns.limit_l_max                  ? 
_reflns.limit_l_min                  ? 
_reflns.observed_criterion_F_max     ? 
_reflns.observed_criterion_F_min     ? 
_reflns.pdbx_chi_squared             ? 
_reflns.pdbx_scaling_rejects         ? 
_reflns.pdbx_diffrn_id               1 
_reflns.pdbx_ordinal                 1 
# 
_reflns_shell.d_res_high             2.0 
_reflns_shell.d_res_low              2.07 
_reflns_shell.percent_possible_obs   ? 
_reflns_shell.percent_possible_all   96.4 
_reflns_shell.Rmerge_I_obs           0.236 
_reflns_shell.meanI_over_sigI_obs    10.1 
_reflns_shell.pdbx_Rsym_value        0.201 
_reflns_shell.pdbx_redundancy        10.0 
_reflns_shell.number_unique_all      1159 
_reflns_shell.number_measured_all    ? 
_reflns_shell.number_measured_obs    ? 
_reflns_shell.number_unique_obs      ? 
_reflns_shell.pdbx_chi_squared       ? 
_reflns_shell.pdbx_diffrn_id         ? 
_reflns_shell.pdbx_ordinal           1 
# 
_refine.entry_id                                 3HZ7 
_refine.ls_d_res_high                            2.000 
_refine.ls_d_res_low                             19.980 
_refine.pdbx_ls_sigma_F                          2.00 
_refine.pdbx_data_cutoff_high_absF               504513.781 
_refine.pdbx_data_cutoff_low_absF                0.000 
_refine.ls_percent_reflns_obs                    95.000 
_refine.ls_number_reflns_obs                     10918 
_refine.pdbx_ls_cross_valid_method               THROUGHOUT 
_refine.pdbx_R_Free_selection_details            RANDOM 
_refine.ls_R_factor_R_work                       0.228 
_refine.ls_R_factor_R_free                       0.250 
_refine.ls_percent_reflns_R_free                 5.100 
_refine.ls_number_reflns_R_free                  561 
_refine.ls_R_factor_R_free_error                 0.011 
_refine.B_iso_mean                               32.600 
_refine.solvent_model_param_bsol                 55.676 
_refine.solvent_model_param_ksol                 0.400 
_refine.pdbx_isotropic_thermal_model             RESTRAINED 
_refine.aniso_B[1][1]                            0.340 
_refine.aniso_B[2][2]                            0.340 
_refine.aniso_B[3][3]                            -0.690 
_refine.aniso_B[1][2]                            0.000 
_refine.aniso_B[1][3]                            0.000 
_refine.aniso_B[2][3]                            0.000 
_refine.solvent_model_details                    'FLAT MODEL' 
_refine.pdbx_ls_sigma_I                          2.00 
_refine.ls_number_reflns_all                     11492 
_refine.ls_R_factor_all                          0.230 
_refine.ls_R_factor_obs                          0.229 
_refine.ls_redundancy_reflns_obs                 ? 
_refine.ls_number_parameters                     ? 
_refine.ls_number_restraints                     ? 
_refine.ls_R_factor_R_free_error_details         ? 
_refine.pdbx_method_to_determine_struct          SAD 
_refine.pdbx_starting_model                      ? 
_refine.pdbx_stereochem_target_val_spec_case     ? 
_refine.pdbx_stereochemistry_target_values       'Engh & Huber' 
_refine.occupancy_max                            ? 
_refine.occupancy_min                            ? 
_refine.details                                  ? 
_refine.B_iso_min                                ? 
_refine.B_iso_max                                ? 
_refine.correlation_coeff_Fo_to_Fc               ? 
_refine.correlation_coeff_Fo_to_Fc_free          ? 
_refine.pdbx_solvent_vdw_probe_radii             ? 
_refine.pdbx_solvent_ion_probe_radii             ? 
_refine.pdbx_solvent_shrinkage_radii             ? 
_refine.overall_SU_R_Cruickshank_DPI             ? 
_refine.overall_SU_R_free                        ? 
_refine.overall_SU_ML                            ? 
_refine.overall_SU_B                             ? 
_refine.pdbx_overall_ESU_R_Free                  ? 
_refine.pdbx_data_cutoff_high_rms_absF           ? 
_refine.pdbx_overall_ESU_R                       ? 
_refine.ls_wR_factor_R_free                      ? 
_refine.ls_wR_factor_R_work                      ? 
_refine.overall_FOM_free_R_set                   ? 
_refine.overall_FOM_work_R_set                   ? 
_refine.pdbx_overall_phase_error                 ? 
_refine.pdbx_refine_id                           'X-RAY DIFFRACTION' 
_refine.pdbx_diffrn_id                           1 
_refine.pdbx_TLS_residual_ADP_flag               ? 
_refine.pdbx_overall_SU_R_free_Cruickshank_DPI   ? 
_refine.pdbx_overall_SU_R_Blow_DPI               ? 
_refine.pdbx_overall_SU_R_free_Blow_DPI          ? 
# 
_refine_analyze.entry_id                        3HZ7 
_refine_analyze.Luzzati_coordinate_error_obs    0.250 
_refine_analyze.Luzzati_sigma_a_obs             0.170 
_refine_analyze.Luzzati_d_res_low_obs           5.000 
_refine_analyze.Luzzati_coordinate_error_free   0.320 
_refine_analyze.Luzzati_sigma_a_free            0.240 
_refine_analyze.Luzzati_d_res_low_free          ? 
_refine_analyze.number_disordered_residues      ? 
_refine_analyze.occupancy_sum_non_hydrogen      ? 
_refine_analyze.occupancy_sum_hydrogen          ? 
_refine_analyze.pdbx_Luzzati_d_res_high_obs     ? 
_refine_analyze.pdbx_refine_id                  'X-RAY DIFFRACTION' 
# 
_refine_hist.pdbx_refine_id                   'X-RAY DIFFRACTION' 
_refine_hist.cycle_id                         LAST 
_refine_hist.pdbx_number_atoms_protein        548 
_refine_hist.pdbx_number_atoms_nucleic_acid   0 
_refine_hist.pdbx_number_atoms_ligand         1 
_refine_hist.number_atoms_solvent             41 
_refine_hist.number_atoms_total               590 
_refine_hist.d_res_high                       2.000 
_refine_hist.d_res_low                        19.980 
# 
loop_
_refine_ls_restr.type 
_refine_ls_restr.number 
_refine_ls_restr.dev_ideal 
_refine_ls_restr.dev_ideal_target 
_refine_ls_restr.weight 
_refine_ls_restr.pdbx_refine_id 
_refine_ls_restr.pdbx_restraint_function 
c_bond_d           ? 0.022  ? ? 'X-RAY DIFFRACTION' ? 
c_angle_deg        ? 1.800  ? ? 'X-RAY DIFFRACTION' ? 
c_dihedral_angle_d ? 24.700 ? ? 'X-RAY DIFFRACTION' ? 
c_improper_angle_d ? 1.150  ? ? 'X-RAY DIFFRACTION' ? 
# 
_refine_ls_shell.d_res_high                       2.000 
_refine_ls_shell.d_res_low                        2.070 
_refine_ls_shell.pdbx_total_number_of_bins_used   10 
_refine_ls_shell.percent_reflns_obs               83.600 
_refine_ls_shell.number_reflns_R_work             914 
_refine_ls_shell.R_factor_all                     ? 
_refine_ls_shell.R_factor_R_work                  0.249 
_refine_ls_shell.R_factor_R_free                  0.273 
_refine_ls_shell.percent_reflns_R_free            4.400 
_refine_ls_shell.number_reflns_R_free             42 
_refine_ls_shell.R_factor_R_free_error            0.042 
_refine_ls_shell.number_reflns_all                ? 
_refine_ls_shell.number_reflns_obs                956 
_refine_ls_shell.redundancy_reflns_obs            ? 
_refine_ls_shell.pdbx_refine_id                   'X-RAY DIFFRACTION' 
# 
_struct.entry_id                  3HZ7 
_struct.title                     
;Crystal Structure of the SirA-like protein (DSY4693) from Desulfitobacterium hafniense, Northeast Structural Genomics Consortium Target DhR2A
;
_struct.pdbx_model_details        ? 
_struct.pdbx_CASP_flag            ? 
_struct.pdbx_model_type_details   ? 
# 
_struct_keywords.entry_id        3HZ7 
_struct_keywords.text            
;alpha-beta protein, Structural Genomics, PSI-2, Protein Structure Initiative, Northeast Structural Genomics Consortium, NESG, UNKNOWN FUNCTION
;
_struct_keywords.pdbx_keywords   'STRUCTURAL GENOMICS, UNKNOWN FUNCTION' 
# 
loop_
_struct_asym.id 
_struct_asym.pdbx_blank_PDB_chainid_flag 
_struct_asym.pdbx_modified 
_struct_asym.entity_id 
_struct_asym.details 
A N N 1 ? 
B N N 2 ? 
# 
_struct_ref.id                         1 
_struct_ref.db_name                    UNP 
_struct_ref.db_code                    A0A0W1JQA6_DESHA 
_struct_ref.pdbx_db_accession          A0A0W1JQA6 
_struct_ref.pdbx_db_isoform            ? 
_struct_ref.entity_id                  1 
_struct_ref.pdbx_seq_one_letter_code   MITIDALGQVCPIPVIRAKKALAELGEAGGVVTVLVDNDISRQNLQKMAEGMGYQAEYLEKDNGVIEVTIVAGEGCAVE 
_struct_ref.pdbx_align_begin           1 
# 
_struct_ref_seq.align_id                      1 
_struct_ref_seq.ref_id                        1 
_struct_ref_seq.pdbx_PDB_id_code              3HZ7 
_struct_ref_seq.pdbx_strand_id                A 
_struct_ref_seq.seq_align_beg                 1 
_struct_ref_seq.pdbx_seq_align_beg_ins_code   ? 
_struct_ref_seq.seq_align_end                 79 
_struct_ref_seq.pdbx_seq_align_end_ins_code   ? 
_struct_ref_seq.pdbx_db_accession             A0A0W1JQA6 
_struct_ref_seq.db_align_beg                  1 
_struct_ref_seq.pdbx_db_align_beg_ins_code    ? 
_struct_ref_seq.db_align_end                  79 
_struct_ref_seq.pdbx_db_align_end_ins_code    ? 
_struct_ref_seq.pdbx_auth_seq_align_beg       1 
_struct_ref_seq.pdbx_auth_seq_align_end       79 
# 
loop_
_struct_ref_seq_dif.align_id 
_struct_ref_seq_dif.pdbx_pdb_id_code 
_struct_ref_seq_dif.mon_id 
_struct_ref_seq_dif.pdbx_pdb_strand_id 
_struct_ref_seq_dif.seq_num 
_struct_ref_seq_dif.pdbx_pdb_ins_code 
_struct_ref_seq_dif.pdbx_seq_db_name 
_struct_ref_seq_dif.pdbx_seq_db_accession_code 
_struct_ref_seq_dif.db_mon_id 
_struct_ref_seq_dif.pdbx_seq_db_seq_num 
_struct_ref_seq_dif.details 
_struct_ref_seq_dif.pdbx_auth_seq_num 
_struct_ref_seq_dif.pdbx_ordinal 
1 3HZ7 SER A 56 ? UNP A0A0W1JQA6 ALA 56 conflict         56 1 
1 3HZ7 LEU A 80 ? UNP A0A0W1JQA6 ?   ?  'expression tag' 80 2 
1 3HZ7 GLU A 81 ? UNP A0A0W1JQA6 ?   ?  'expression tag' 81 3 
1 3HZ7 HIS A 82 ? UNP A0A0W1JQA6 ?   ?  'expression tag' 82 4 
1 3HZ7 HIS A 83 ? UNP A0A0W1JQA6 ?   ?  'expression tag' 83 5 
1 3HZ7 HIS A 84 ? UNP A0A0W1JQA6 ?   ?  'expression tag' 84 6 
1 3HZ7 HIS A 85 ? UNP A0A0W1JQA6 ?   ?  'expression tag' 85 7 
1 3HZ7 HIS A 86 ? UNP A0A0W1JQA6 ?   ?  'expression tag' 86 8 
1 3HZ7 HIS A 87 ? UNP A0A0W1JQA6 ?   ?  'expression tag' 87 9 
# 
_pdbx_struct_assembly.id                   1 
_pdbx_struct_assembly.details              author_and_software_defined_assembly 
_pdbx_struct_assembly.method_details       PISA 
_pdbx_struct_assembly.oligomeric_details   monomeric 
_pdbx_struct_assembly.oligomeric_count     1 
# 
_pdbx_struct_assembly_gen.assembly_id       1 
_pdbx_struct_assembly_gen.oper_expression   1 
_pdbx_struct_assembly_gen.asym_id_list      A,B 
# 
_pdbx_struct_oper_list.id                   1 
_pdbx_struct_oper_list.type                 'identity operation' 
_pdbx_struct_oper_list.name                 1_555 
_pdbx_struct_oper_list.symmetry_operation   x,y,z 
_pdbx_struct_oper_list.matrix[1][1]         1.0000000000 
_pdbx_struct_oper_list.matrix[1][2]         0.0000000000 
_pdbx_struct_oper_list.matrix[1][3]         0.0000000000 
_pdbx_struct_oper_list.vector[1]            0.0000000000 
_pdbx_struct_oper_list.matrix[2][1]         0.0000000000 
_pdbx_struct_oper_list.matrix[2][2]         1.0000000000 
_pdbx_struct_oper_list.matrix[2][3]         0.0000000000 
_pdbx_struct_oper_list.vector[2]            0.0000000000 
_pdbx_struct_oper_list.matrix[3][1]         0.0000000000 
_pdbx_struct_oper_list.matrix[3][2]         0.0000000000 
_pdbx_struct_oper_list.matrix[3][3]         1.0000000000 
_pdbx_struct_oper_list.vector[3]            0.0000000000 
# 
loop_
_struct_conf.conf_type_id 
_struct_conf.id 
_struct_conf.pdbx_PDB_helix_id 
_struct_conf.beg_label_comp_id 
_struct_conf.beg_label_asym_id 
_struct_conf.beg_label_seq_id 
_struct_conf.pdbx_beg_PDB_ins_code 
_struct_conf.end_label_comp_id 
_struct_conf.end_label_asym_id 
_struct_conf.end_label_seq_id 
_struct_conf.pdbx_end_PDB_ins_code 
_struct_conf.beg_auth_comp_id 
_struct_conf.beg_auth_asym_id 
_struct_conf.beg_auth_seq_id 
_struct_conf.end_auth_comp_id 
_struct_conf.end_auth_asym_id 
_struct_conf.end_auth_seq_id 
_struct_conf.pdbx_PDB_helix_class 
_struct_conf.details 
_struct_conf.pdbx_PDB_helix_length 
HELX_P HELX_P1 1 PRO A 12 ? GLU A 24 ? PRO A 12 GLU A 24 1 ? 13 
HELX_P HELX_P2 2 LEU A 25 ? GLY A 29 ? LEU A 25 GLY A 29 5 ? 5  
HELX_P HELX_P3 3 ASN A 38 ? GLY A 53 ? ASN A 38 GLY A 53 1 ? 16 
HELX_P HELX_P4 4 ASP A 62 ? GLY A 64 ? ASP A 62 GLY A 64 5 ? 3  
# 
_struct_conf_type.id          HELX_P 
_struct_conf_type.criteria    ? 
_struct_conf_type.reference   ? 
# 
loop_
_struct_conn.id 
_struct_conn.conn_type_id 
_struct_conn.pdbx_leaving_atom_flag 
_struct_conn.pdbx_PDB_id 
_struct_conn.ptnr1_label_asym_id 
_struct_conn.ptnr1_label_comp_id 
_struct_conn.ptnr1_label_seq_id 
_struct_conn.ptnr1_label_atom_id 
_struct_conn.pdbx_ptnr1_label_alt_id 
_struct_conn.pdbx_ptnr1_PDB_ins_code 
_struct_conn.pdbx_ptnr1_standard_comp_id 
_struct_conn.ptnr1_symmetry 
_struct_conn.ptnr2_label_asym_id 
_struct_conn.ptnr2_label_comp_id 
_struct_conn.ptnr2_label_seq_id 
_struct_conn.ptnr2_label_atom_id 
_struct_conn.pdbx_ptnr2_label_alt_id 
_struct_conn.pdbx_ptnr2_PDB_ins_code 
_struct_conn.ptnr1_auth_asym_id 
_struct_conn.ptnr1_auth_comp_id 
_struct_conn.ptnr1_auth_seq_id 
_struct_conn.ptnr2_auth_asym_id 
_struct_conn.ptnr2_auth_comp_id 
_struct_conn.ptnr2_auth_seq_id 
_struct_conn.ptnr2_symmetry 
_struct_conn.pdbx_ptnr3_label_atom_id 
_struct_conn.pdbx_ptnr3_label_seq_id 
_struct_conn.pdbx_ptnr3_label_comp_id 
_struct_conn.pdbx_ptnr3_label_asym_id 
_struct_conn.pdbx_ptnr3_label_alt_id 
_struct_conn.pdbx_ptnr3_PDB_ins_code 
_struct_conn.details 
_struct_conn.pdbx_dist_value 
_struct_conn.pdbx_value_order 
_struct_conn.pdbx_role 
covale1 covale both ? A MSE 1  C ? ? ? 1_555 A ILE 2  N ? ? A MSE 1  A ILE 2  1_555 ? ? ? ? ? ? ? 1.332 ? ? 
covale2 covale both ? A VAL 10 C ? ? ? 1_555 A CSS 11 N ? ? A VAL 10 A CSS 11 1_555 ? ? ? ? ? ? ? 1.317 ? ? 
covale3 covale both ? A CSS 11 C ? ? ? 1_555 A PRO 12 N ? ? A CSS 11 A PRO 12 1_555 ? ? ? ? ? ? ? 1.350 ? ? 
covale4 covale both ? A LYS 47 C ? ? ? 1_555 A MSE 48 N ? ? A LYS 47 A MSE 48 1_555 ? ? ? ? ? ? ? 1.336 ? ? 
covale5 covale both ? A MSE 48 C ? ? ? 1_555 A ALA 49 N ? ? A MSE 48 A ALA 49 1_555 ? ? ? ? ? ? ? 1.342 ? ? 
covale6 covale both ? A GLY 51 C ? ? ? 1_555 A MSE 52 N ? ? A GLY 51 A MSE 52 1_555 ? ? ? ? ? ? ? 1.332 ? ? 
covale7 covale both ? A MSE 52 C ? ? ? 1_555 A GLY 53 N ? ? A MSE 52 A GLY 53 1_555 ? ? ? ? ? ? ? 1.325 ? ? 
# 
_struct_conn_type.id          covale 
_struct_conn_type.criteria    ? 
_struct_conn_type.reference   ? 
# 
loop_
_pdbx_modification_feature.ordinal 
_pdbx_modification_feature.label_comp_id 
_pdbx_modification_feature.label_asym_id 
_pdbx_modification_feature.label_seq_id 
_pdbx_modification_feature.label_alt_id 
_pdbx_modification_feature.modified_residue_label_comp_id 
_pdbx_modification_feature.modified_residue_label_asym_id 
_pdbx_modification_feature.modified_residue_label_seq_id 
_pdbx_modification_feature.modified_residue_label_alt_id 
_pdbx_modification_feature.auth_comp_id 
_pdbx_modification_feature.auth_asym_id 
_pdbx_modification_feature.auth_seq_id 
_pdbx_modification_feature.PDB_ins_code 
_pdbx_modification_feature.symmetry 
_pdbx_modification_feature.modified_residue_auth_comp_id 
_pdbx_modification_feature.modified_residue_auth_asym_id 
_pdbx_modification_feature.modified_residue_auth_seq_id 
_pdbx_modification_feature.modified_residue_PDB_ins_code 
_pdbx_modification_feature.modified_residue_symmetry 
_pdbx_modification_feature.comp_id_linking_atom 
_pdbx_modification_feature.modified_residue_id_linking_atom 
_pdbx_modification_feature.modified_residue_id 
_pdbx_modification_feature.ref_pcm_id 
_pdbx_modification_feature.ref_comp_id 
_pdbx_modification_feature.type 
_pdbx_modification_feature.category 
1 MSE A 1  ? . . . . MSE A 1  ? 1_555 . . . . . . . MET 1 MSE Selenomethionine 'Named protein modification' 
2 CSS A 11 ? . . . . CSS A 11 ? 1_555 . . . . . . . CYS 1 CSS Sulfhydration    'Named protein modification' 
3 MSE A 48 ? . . . . MSE A 48 ? 1_555 . . . . . . . MET 1 MSE Selenomethionine 'Named protein modification' 
4 MSE A 52 ? . . . . MSE A 52 ? 1_555 . . . . . . . MET 1 MSE Selenomethionine 'Named protein modification' 
# 
_struct_mon_prot_cis.pdbx_id                1 
_struct_mon_prot_cis.label_comp_id          CSS 
_struct_mon_prot_cis.label_seq_id           11 
_struct_mon_prot_cis.label_asym_id          A 
_struct_mon_prot_cis.label_alt_id           . 
_struct_mon_prot_cis.pdbx_PDB_ins_code      ? 
_struct_mon_prot_cis.auth_comp_id           CSS 
_struct_mon_prot_cis.auth_seq_id            11 
_struct_mon_prot_cis.auth_asym_id           A 
_struct_mon_prot_cis.pdbx_label_comp_id_2   PRO 
_struct_mon_prot_cis.pdbx_label_seq_id_2    12 
_struct_mon_prot_cis.pdbx_label_asym_id_2   A 
_struct_mon_prot_cis.pdbx_PDB_ins_code_2    ? 
_struct_mon_prot_cis.pdbx_auth_comp_id_2    PRO 
_struct_mon_prot_cis.pdbx_auth_seq_id_2     12 
_struct_mon_prot_cis.pdbx_auth_asym_id_2    A 
_struct_mon_prot_cis.pdbx_PDB_model_num     1 
_struct_mon_prot_cis.pdbx_omega_angle       -0.79 
# 
_struct_sheet.id               A 
_struct_sheet.type             ? 
_struct_sheet.number_strands   4 
_struct_sheet.details          ? 
# 
loop_
_struct_sheet_order.sheet_id 
_struct_sheet_order.range_id_1 
_struct_sheet_order.range_id_2 
_struct_sheet_order.offset 
_struct_sheet_order.sense 
A 1 2 ? parallel      
A 2 3 ? anti-parallel 
A 3 4 ? anti-parallel 
# 
loop_
_struct_sheet_range.sheet_id 
_struct_sheet_range.id 
_struct_sheet_range.beg_label_comp_id 
_struct_sheet_range.beg_label_asym_id 
_struct_sheet_range.beg_label_seq_id 
_struct_sheet_range.pdbx_beg_PDB_ins_code 
_struct_sheet_range.end_label_comp_id 
_struct_sheet_range.end_label_asym_id 
_struct_sheet_range.end_label_seq_id 
_struct_sheet_range.pdbx_end_PDB_ins_code 
_struct_sheet_range.beg_auth_comp_id 
_struct_sheet_range.beg_auth_asym_id 
_struct_sheet_range.beg_auth_seq_id 
_struct_sheet_range.end_auth_comp_id 
_struct_sheet_range.end_auth_asym_id 
_struct_sheet_range.end_auth_seq_id 
A 1 ILE A 2  ? ASP A 5  ? ILE A 2  ASP A 5  
A 2 VAL A 31 ? VAL A 36 ? VAL A 31 VAL A 36 
A 3 ILE A 66 ? VAL A 71 ? ILE A 66 VAL A 71 
A 4 GLN A 55 ? GLU A 60 ? GLN A 55 GLU A 60 
# 
loop_
_pdbx_struct_sheet_hbond.sheet_id 
_pdbx_struct_sheet_hbond.range_id_1 
_pdbx_struct_sheet_hbond.range_id_2 
_pdbx_struct_sheet_hbond.range_1_label_atom_id 
_pdbx_struct_sheet_hbond.range_1_label_comp_id 
_pdbx_struct_sheet_hbond.range_1_label_asym_id 
_pdbx_struct_sheet_hbond.range_1_label_seq_id 
_pdbx_struct_sheet_hbond.range_1_PDB_ins_code 
_pdbx_struct_sheet_hbond.range_1_auth_atom_id 
_pdbx_struct_sheet_hbond.range_1_auth_comp_id 
_pdbx_struct_sheet_hbond.range_1_auth_asym_id 
_pdbx_struct_sheet_hbond.range_1_auth_seq_id 
_pdbx_struct_sheet_hbond.range_2_label_atom_id 
_pdbx_struct_sheet_hbond.range_2_label_comp_id 
_pdbx_struct_sheet_hbond.range_2_label_asym_id 
_pdbx_struct_sheet_hbond.range_2_label_seq_id 
_pdbx_struct_sheet_hbond.range_2_PDB_ins_code 
_pdbx_struct_sheet_hbond.range_2_auth_atom_id 
_pdbx_struct_sheet_hbond.range_2_auth_comp_id 
_pdbx_struct_sheet_hbond.range_2_auth_asym_id 
_pdbx_struct_sheet_hbond.range_2_auth_seq_id 
A 1 2 N ILE A 2  ? N ILE A 2  O THR A 33 ? O THR A 33 
A 2 3 N VAL A 36 ? N VAL A 36 O ILE A 66 ? O ILE A 66 
A 3 4 O GLU A 67 ? O GLU A 67 N LEU A 59 ? N LEU A 59 
# 
_pdbx_entry_details.sequence_details           
'THE CURRENT CRYSTAL STRUCTURE SUGGESTS THAT THERE IS AN ADDITIONAL MUTATION AT POSITION 56 FROM ALA TO SERINE.' 
_pdbx_entry_details.entry_id                   3HZ7 
_pdbx_entry_details.compound_details           ? 
_pdbx_entry_details.source_details             ? 
_pdbx_entry_details.nonpolymer_details         ? 
_pdbx_entry_details.has_ligand_of_interest     ? 
_pdbx_entry_details.has_protein_modification   Y 
# 
loop_
_pdbx_validate_close_contact.id 
_pdbx_validate_close_contact.PDB_model_num 
_pdbx_validate_close_contact.auth_atom_id_1 
_pdbx_validate_close_contact.auth_asym_id_1 
_pdbx_validate_close_contact.auth_comp_id_1 
_pdbx_validate_close_contact.auth_seq_id_1 
_pdbx_validate_close_contact.PDB_ins_code_1 
_pdbx_validate_close_contact.label_alt_id_1 
_pdbx_validate_close_contact.auth_atom_id_2 
_pdbx_validate_close_contact.auth_asym_id_2 
_pdbx_validate_close_contact.auth_comp_id_2 
_pdbx_validate_close_contact.auth_seq_id_2 
_pdbx_validate_close_contact.PDB_ins_code_2 
_pdbx_validate_close_contact.label_alt_id_2 
_pdbx_validate_close_contact.dist 
1 1 O   A GLY 73 ? ? O A HOH 129 ? ? 2.05 
2 1 OD2 A ASP 39 ? ? O A HOH 102 ? ? 2.18 
# 
_pdbx_validate_symm_contact.id                1 
_pdbx_validate_symm_contact.PDB_model_num     1 
_pdbx_validate_symm_contact.auth_atom_id_1    OE1 
_pdbx_validate_symm_contact.auth_asym_id_1    A 
_pdbx_validate_symm_contact.auth_comp_id_1    GLU 
_pdbx_validate_symm_contact.auth_seq_id_1     24 
_pdbx_validate_symm_contact.PDB_ins_code_1    ? 
_pdbx_validate_symm_contact.label_alt_id_1    ? 
_pdbx_validate_symm_contact.site_symmetry_1   1_555 
_pdbx_validate_symm_contact.auth_atom_id_2    OE1 
_pdbx_validate_symm_contact.auth_asym_id_2    A 
_pdbx_validate_symm_contact.auth_comp_id_2    GLU 
_pdbx_validate_symm_contact.auth_seq_id_2     24 
_pdbx_validate_symm_contact.PDB_ins_code_2    ? 
_pdbx_validate_symm_contact.label_alt_id_2    ? 
_pdbx_validate_symm_contact.site_symmetry_2   8_665 
_pdbx_validate_symm_contact.dist              2.11 
# 
_pdbx_validate_torsion.id              1 
_pdbx_validate_torsion.PDB_model_num   1 
_pdbx_validate_torsion.auth_comp_id    ASN 
_pdbx_validate_torsion.auth_asym_id    A 
_pdbx_validate_torsion.auth_seq_id     63 
_pdbx_validate_torsion.PDB_ins_code    ? 
_pdbx_validate_torsion.label_alt_id    ? 
_pdbx_validate_torsion.phi             70.89 
_pdbx_validate_torsion.psi             32.44 
# 
_pdbx_SG_project.id                    1 
_pdbx_SG_project.project_name          'PSI, Protein Structure Initiative' 
_pdbx_SG_project.full_name_of_center   'Northeast Structural Genomics Consortium' 
_pdbx_SG_project.initial_of_center     NESG 
# 
loop_
_pdbx_struct_mod_residue.id 
_pdbx_struct_mod_residue.label_asym_id 
_pdbx_struct_mod_residue.label_comp_id 
_pdbx_struct_mod_residue.label_seq_id 
_pdbx_struct_mod_residue.auth_asym_id 
_pdbx_struct_mod_residue.auth_comp_id 
_pdbx_struct_mod_residue.auth_seq_id 
_pdbx_struct_mod_residue.PDB_ins_code 
_pdbx_struct_mod_residue.parent_comp_id 
_pdbx_struct_mod_residue.details 
1 A MSE 1  A MSE 1  ? MET 'modified residue' 
2 A CSS 11 A CSS 11 ? CYS 'modified residue' 
3 A MSE 48 A MSE 48 ? MET 'modified residue' 
4 A MSE 52 A MSE 52 ? MET 'modified residue' 
# 
_pdbx_distant_solvent_atoms.id                                1 
_pdbx_distant_solvent_atoms.PDB_model_num                     1 
_pdbx_distant_solvent_atoms.auth_atom_id                      O 
_pdbx_distant_solvent_atoms.label_alt_id                      ? 
_pdbx_distant_solvent_atoms.auth_asym_id                      A 
_pdbx_distant_solvent_atoms.auth_comp_id                      HOH 
_pdbx_distant_solvent_atoms.auth_seq_id                       107 
_pdbx_distant_solvent_atoms.PDB_ins_code                      ? 
_pdbx_distant_solvent_atoms.neighbor_macromolecule_distance   6.30 
_pdbx_distant_solvent_atoms.neighbor_ligand_distance          . 
# 
loop_
_pdbx_unobs_or_zero_occ_residues.id 
_pdbx_unobs_or_zero_occ_residues.PDB_model_num 
_pdbx_unobs_or_zero_occ_residues.polymer_flag 
_pdbx_unobs_or_zero_occ_residues.occupancy_flag 
_pdbx_unobs_or_zero_occ_residues.auth_asym_id 
_pdbx_unobs_or_zero_occ_residues.auth_comp_id 
_pdbx_unobs_or_zero_occ_residues.auth_seq_id 
_pdbx_unobs_or_zero_occ_residues.PDB_ins_code 
_pdbx_unobs_or_zero_occ_residues.label_asym_id 
_pdbx_unobs_or_zero_occ_residues.label_comp_id 
_pdbx_unobs_or_zero_occ_residues.label_seq_id 
1  1 Y 1 A GLY 75 ? A GLY 75 
2  1 Y 1 A CYS 76 ? A CYS 76 
3  1 Y 1 A ALA 77 ? A ALA 77 
4  1 Y 1 A VAL 78 ? A VAL 78 
5  1 Y 1 A GLU 79 ? A GLU 79 
6  1 Y 1 A LEU 80 ? A LEU 80 
7  1 Y 1 A GLU 81 ? A GLU 81 
8  1 Y 1 A HIS 82 ? A HIS 82 
9  1 Y 1 A HIS 83 ? A HIS 83 
10 1 Y 1 A HIS 84 ? A HIS 84 
11 1 Y 1 A HIS 85 ? A HIS 85 
12 1 Y 1 A HIS 86 ? A HIS 86 
13 1 Y 1 A HIS 87 ? A HIS 87 
# 
loop_
_chem_comp_atom.comp_id 
_chem_comp_atom.atom_id 
_chem_comp_atom.type_symbol 
_chem_comp_atom.pdbx_aromatic_flag 
_chem_comp_atom.pdbx_stereo_config 
_chem_comp_atom.pdbx_ordinal 
ALA N    N  N N 1   
ALA CA   C  N S 2   
ALA C    C  N N 3   
ALA O    O  N N 4   
ALA CB   C  N N 5   
ALA OXT  O  N N 6   
ALA H    H  N N 7   
ALA H2   H  N N 8   
ALA HA   H  N N 9   
ALA HB1  H  N N 10  
ALA HB2  H  N N 11  
ALA HB3  H  N N 12  
ALA HXT  H  N N 13  
ARG N    N  N N 14  
ARG CA   C  N S 15  
ARG C    C  N N 16  
ARG O    O  N N 17  
ARG CB   C  N N 18  
ARG CG   C  N N 19  
ARG CD   C  N N 20  
ARG NE   N  N N 21  
ARG CZ   C  N N 22  
ARG NH1  N  N N 23  
ARG NH2  N  N N 24  
ARG OXT  O  N N 25  
ARG H    H  N N 26  
ARG H2   H  N N 27  
ARG HA   H  N N 28  
ARG HB2  H  N N 29  
ARG HB3  H  N N 30  
ARG HG2  H  N N 31  
ARG HG3  H  N N 32  
ARG HD2  H  N N 33  
ARG HD3  H  N N 34  
ARG HE   H  N N 35  
ARG HH11 H  N N 36  
ARG HH12 H  N N 37  
ARG HH21 H  N N 38  
ARG HH22 H  N N 39  
ARG HXT  H  N N 40  
ASN N    N  N N 41  
ASN CA   C  N S 42  
ASN C    C  N N 43  
ASN O    O  N N 44  
ASN CB   C  N N 45  
ASN CG   C  N N 46  
ASN OD1  O  N N 47  
ASN ND2  N  N N 48  
ASN OXT  O  N N 49  
ASN H    H  N N 50  
ASN H2   H  N N 51  
ASN HA   H  N N 52  
ASN HB2  H  N N 53  
ASN HB3  H  N N 54  
ASN HD21 H  N N 55  
ASN HD22 H  N N 56  
ASN HXT  H  N N 57  
ASP N    N  N N 58  
ASP CA   C  N S 59  
ASP C    C  N N 60  
ASP O    O  N N 61  
ASP CB   C  N N 62  
ASP CG   C  N N 63  
ASP OD1  O  N N 64  
ASP OD2  O  N N 65  
ASP OXT  O  N N 66  
ASP H    H  N N 67  
ASP H2   H  N N 68  
ASP HA   H  N N 69  
ASP HB2  H  N N 70  
ASP HB3  H  N N 71  
ASP HD2  H  N N 72  
ASP HXT  H  N N 73  
CSS N    N  N N 74  
CSS CA   C  N R 75  
CSS CB   C  N N 76  
CSS SG   S  N N 77  
CSS SD   S  N N 78  
CSS C    C  N N 79  
CSS O    O  N N 80  
CSS OXT  O  N N 81  
CSS H    H  N N 82  
CSS H2   H  N N 83  
CSS HA   H  N N 84  
CSS HB2  H  N N 85  
CSS HB3  H  N N 86  
CSS HD   H  N N 87  
CSS HXT  H  N N 88  
CYS N    N  N N 89  
CYS CA   C  N R 90  
CYS C    C  N N 91  
CYS O    O  N N 92  
CYS CB   C  N N 93  
CYS SG   S  N N 94  
CYS OXT  O  N N 95  
CYS H    H  N N 96  
CYS H2   H  N N 97  
CYS HA   H  N N 98  
CYS HB2  H  N N 99  
CYS HB3  H  N N 100 
CYS HG   H  N N 101 
CYS HXT  H  N N 102 
GLN N    N  N N 103 
GLN CA   C  N S 104 
GLN C    C  N N 105 
GLN O    O  N N 106 
GLN CB   C  N N 107 
GLN CG   C  N N 108 
GLN CD   C  N N 109 
GLN OE1  O  N N 110 
GLN NE2  N  N N 111 
GLN OXT  O  N N 112 
GLN H    H  N N 113 
GLN H2   H  N N 114 
GLN HA   H  N N 115 
GLN HB2  H  N N 116 
GLN HB3  H  N N 117 
GLN HG2  H  N N 118 
GLN HG3  H  N N 119 
GLN HE21 H  N N 120 
GLN HE22 H  N N 121 
GLN HXT  H  N N 122 
GLU N    N  N N 123 
GLU CA   C  N S 124 
GLU C    C  N N 125 
GLU O    O  N N 126 
GLU CB   C  N N 127 
GLU CG   C  N N 128 
GLU CD   C  N N 129 
GLU OE1  O  N N 130 
GLU OE2  O  N N 131 
GLU OXT  O  N N 132 
GLU H    H  N N 133 
GLU H2   H  N N 134 
GLU HA   H  N N 135 
GLU HB2  H  N N 136 
GLU HB3  H  N N 137 
GLU HG2  H  N N 138 
GLU HG3  H  N N 139 
GLU HE2  H  N N 140 
GLU HXT  H  N N 141 
GLY N    N  N N 142 
GLY CA   C  N N 143 
GLY C    C  N N 144 
GLY O    O  N N 145 
GLY OXT  O  N N 146 
GLY H    H  N N 147 
GLY H2   H  N N 148 
GLY HA2  H  N N 149 
GLY HA3  H  N N 150 
GLY HXT  H  N N 151 
HIS N    N  N N 152 
HIS CA   C  N S 153 
HIS C    C  N N 154 
HIS O    O  N N 155 
HIS CB   C  N N 156 
HIS CG   C  Y N 157 
HIS ND1  N  Y N 158 
HIS CD2  C  Y N 159 
HIS CE1  C  Y N 160 
HIS NE2  N  Y N 161 
HIS OXT  O  N N 162 
HIS H    H  N N 163 
HIS H2   H  N N 164 
HIS HA   H  N N 165 
HIS HB2  H  N N 166 
HIS HB3  H  N N 167 
HIS HD1  H  N N 168 
HIS HD2  H  N N 169 
HIS HE1  H  N N 170 
HIS HE2  H  N N 171 
HIS HXT  H  N N 172 
HOH O    O  N N 173 
HOH H1   H  N N 174 
HOH H2   H  N N 175 
ILE N    N  N N 176 
ILE CA   C  N S 177 
ILE C    C  N N 178 
ILE O    O  N N 179 
ILE CB   C  N S 180 
ILE CG1  C  N N 181 
ILE CG2  C  N N 182 
ILE CD1  C  N N 183 
ILE OXT  O  N N 184 
ILE H    H  N N 185 
ILE H2   H  N N 186 
ILE HA   H  N N 187 
ILE HB   H  N N 188 
ILE HG12 H  N N 189 
ILE HG13 H  N N 190 
ILE HG21 H  N N 191 
ILE HG22 H  N N 192 
ILE HG23 H  N N 193 
ILE HD11 H  N N 194 
ILE HD12 H  N N 195 
ILE HD13 H  N N 196 
ILE HXT  H  N N 197 
LEU N    N  N N 198 
LEU CA   C  N S 199 
LEU C    C  N N 200 
LEU O    O  N N 201 
LEU CB   C  N N 202 
LEU CG   C  N N 203 
LEU CD1  C  N N 204 
LEU CD2  C  N N 205 
LEU OXT  O  N N 206 
LEU H    H  N N 207 
LEU H2   H  N N 208 
LEU HA   H  N N 209 
LEU HB2  H  N N 210 
LEU HB3  H  N N 211 
LEU HG   H  N N 212 
LEU HD11 H  N N 213 
LEU HD12 H  N N 214 
LEU HD13 H  N N 215 
LEU HD21 H  N N 216 
LEU HD22 H  N N 217 
LEU HD23 H  N N 218 
LEU HXT  H  N N 219 
LYS N    N  N N 220 
LYS CA   C  N S 221 
LYS C    C  N N 222 
LYS O    O  N N 223 
LYS CB   C  N N 224 
LYS CG   C  N N 225 
LYS CD   C  N N 226 
LYS CE   C  N N 227 
LYS NZ   N  N N 228 
LYS OXT  O  N N 229 
LYS H    H  N N 230 
LYS H2   H  N N 231 
LYS HA   H  N N 232 
LYS HB2  H  N N 233 
LYS HB3  H  N N 234 
LYS HG2  H  N N 235 
LYS HG3  H  N N 236 
LYS HD2  H  N N 237 
LYS HD3  H  N N 238 
LYS HE2  H  N N 239 
LYS HE3  H  N N 240 
LYS HZ1  H  N N 241 
LYS HZ2  H  N N 242 
LYS HZ3  H  N N 243 
LYS HXT  H  N N 244 
MSE N    N  N N 245 
MSE CA   C  N S 246 
MSE C    C  N N 247 
MSE O    O  N N 248 
MSE OXT  O  N N 249 
MSE CB   C  N N 250 
MSE CG   C  N N 251 
MSE SE   SE N N 252 
MSE CE   C  N N 253 
MSE H    H  N N 254 
MSE H2   H  N N 255 
MSE HA   H  N N 256 
MSE HXT  H  N N 257 
MSE HB2  H  N N 258 
MSE HB3  H  N N 259 
MSE HG2  H  N N 260 
MSE HG3  H  N N 261 
MSE HE1  H  N N 262 
MSE HE2  H  N N 263 
MSE HE3  H  N N 264 
PRO N    N  N N 265 
PRO CA   C  N S 266 
PRO C    C  N N 267 
PRO O    O  N N 268 
PRO CB   C  N N 269 
PRO CG   C  N N 270 
PRO CD   C  N N 271 
PRO OXT  O  N N 272 
PRO H    H  N N 273 
PRO HA   H  N N 274 
PRO HB2  H  N N 275 
PRO HB3  H  N N 276 
PRO HG2  H  N N 277 
PRO HG3  H  N N 278 
PRO HD2  H  N N 279 
PRO HD3  H  N N 280 
PRO HXT  H  N N 281 
SER N    N  N N 282 
SER CA   C  N S 283 
SER C    C  N N 284 
SER O    O  N N 285 
SER CB   C  N N 286 
SER OG   O  N N 287 
SER OXT  O  N N 288 
SER H    H  N N 289 
SER H2   H  N N 290 
SER HA   H  N N 291 
SER HB2  H  N N 292 
SER HB3  H  N N 293 
SER HG   H  N N 294 
SER HXT  H  N N 295 
THR N    N  N N 296 
THR CA   C  N S 297 
THR C    C  N N 298 
THR O    O  N N 299 
THR CB   C  N R 300 
THR OG1  O  N N 301 
THR CG2  C  N N 302 
THR OXT  O  N N 303 
THR H    H  N N 304 
THR H2   H  N N 305 
THR HA   H  N N 306 
THR HB   H  N N 307 
THR HG1  H  N N 308 
THR HG21 H  N N 309 
THR HG22 H  N N 310 
THR HG23 H  N N 311 
THR HXT  H  N N 312 
TYR N    N  N N 313 
TYR CA   C  N S 314 
TYR C    C  N N 315 
TYR O    O  N N 316 
TYR CB   C  N N 317 
TYR CG   C  Y N 318 
TYR CD1  C  Y N 319 
TYR CD2  C  Y N 320 
TYR CE1  C  Y N 321 
TYR CE2  C  Y N 322 
TYR CZ   C  Y N 323 
TYR OH   O  N N 324 
TYR OXT  O  N N 325 
TYR H    H  N N 326 
TYR H2   H  N N 327 
TYR HA   H  N N 328 
TYR HB2  H  N N 329 
TYR HB3  H  N N 330 
TYR HD1  H  N N 331 
TYR HD2  H  N N 332 
TYR HE1  H  N N 333 
TYR HE2  H  N N 334 
TYR HH   H  N N 335 
TYR HXT  H  N N 336 
VAL N    N  N N 337 
VAL CA   C  N S 338 
VAL C    C  N N 339 
VAL O    O  N N 340 
VAL CB   C  N N 341 
VAL CG1  C  N N 342 
VAL CG2  C  N N 343 
VAL OXT  O  N N 344 
VAL H    H  N N 345 
VAL H2   H  N N 346 
VAL HA   H  N N 347 
VAL HB   H  N N 348 
VAL HG11 H  N N 349 
VAL HG12 H  N N 350 
VAL HG13 H  N N 351 
VAL HG21 H  N N 352 
VAL HG22 H  N N 353 
VAL HG23 H  N N 354 
VAL HXT  H  N N 355 
# 
loop_
_chem_comp_bond.comp_id 
_chem_comp_bond.atom_id_1 
_chem_comp_bond.atom_id_2 
_chem_comp_bond.value_order 
_chem_comp_bond.pdbx_aromatic_flag 
_chem_comp_bond.pdbx_stereo_config 
_chem_comp_bond.pdbx_ordinal 
ALA N   CA   sing N N 1   
ALA N   H    sing N N 2   
ALA N   H2   sing N N 3   
ALA CA  C    sing N N 4   
ALA CA  CB   sing N N 5   
ALA CA  HA   sing N N 6   
ALA C   O    doub N N 7   
ALA C   OXT  sing N N 8   
ALA CB  HB1  sing N N 9   
ALA CB  HB2  sing N N 10  
ALA CB  HB3  sing N N 11  
ALA OXT HXT  sing N N 12  
ARG N   CA   sing N N 13  
ARG N   H    sing N N 14  
ARG N   H2   sing N N 15  
ARG CA  C    sing N N 16  
ARG CA  CB   sing N N 17  
ARG CA  HA   sing N N 18  
ARG C   O    doub N N 19  
ARG C   OXT  sing N N 20  
ARG CB  CG   sing N N 21  
ARG CB  HB2  sing N N 22  
ARG CB  HB3  sing N N 23  
ARG CG  CD   sing N N 24  
ARG CG  HG2  sing N N 25  
ARG CG  HG3  sing N N 26  
ARG CD  NE   sing N N 27  
ARG CD  HD2  sing N N 28  
ARG CD  HD3  sing N N 29  
ARG NE  CZ   sing N N 30  
ARG NE  HE   sing N N 31  
ARG CZ  NH1  sing N N 32  
ARG CZ  NH2  doub N N 33  
ARG NH1 HH11 sing N N 34  
ARG NH1 HH12 sing N N 35  
ARG NH2 HH21 sing N N 36  
ARG NH2 HH22 sing N N 37  
ARG OXT HXT  sing N N 38  
ASN N   CA   sing N N 39  
ASN N   H    sing N N 40  
ASN N   H2   sing N N 41  
ASN CA  C    sing N N 42  
ASN CA  CB   sing N N 43  
ASN CA  HA   sing N N 44  
ASN C   O    doub N N 45  
ASN C   OXT  sing N N 46  
ASN CB  CG   sing N N 47  
ASN CB  HB2  sing N N 48  
ASN CB  HB3  sing N N 49  
ASN CG  OD1  doub N N 50  
ASN CG  ND2  sing N N 51  
ASN ND2 HD21 sing N N 52  
ASN ND2 HD22 sing N N 53  
ASN OXT HXT  sing N N 54  
ASP N   CA   sing N N 55  
ASP N   H    sing N N 56  
ASP N   H2   sing N N 57  
ASP CA  C    sing N N 58  
ASP CA  CB   sing N N 59  
ASP CA  HA   sing N N 60  
ASP C   O    doub N N 61  
ASP C   OXT  sing N N 62  
ASP CB  CG   sing N N 63  
ASP CB  HB2  sing N N 64  
ASP CB  HB3  sing N N 65  
ASP CG  OD1  doub N N 66  
ASP CG  OD2  sing N N 67  
ASP OD2 HD2  sing N N 68  
ASP OXT HXT  sing N N 69  
CSS N   CA   sing N N 70  
CSS N   H    sing N N 71  
CSS N   H2   sing N N 72  
CSS CA  CB   sing N N 73  
CSS CA  C    sing N N 74  
CSS CA  HA   sing N N 75  
CSS CB  SG   sing N N 76  
CSS CB  HB2  sing N N 77  
CSS CB  HB3  sing N N 78  
CSS SG  SD   sing N N 79  
CSS SD  HD   sing N N 80  
CSS C   O    doub N N 81  
CSS C   OXT  sing N N 82  
CSS OXT HXT  sing N N 83  
CYS N   CA   sing N N 84  
CYS N   H    sing N N 85  
CYS N   H2   sing N N 86  
CYS CA  C    sing N N 87  
CYS CA  CB   sing N N 88  
CYS CA  HA   sing N N 89  
CYS C   O    doub N N 90  
CYS C   OXT  sing N N 91  
CYS CB  SG   sing N N 92  
CYS CB  HB2  sing N N 93  
CYS CB  HB3  sing N N 94  
CYS SG  HG   sing N N 95  
CYS OXT HXT  sing N N 96  
GLN N   CA   sing N N 97  
GLN N   H    sing N N 98  
GLN N   H2   sing N N 99  
GLN CA  C    sing N N 100 
GLN CA  CB   sing N N 101 
GLN CA  HA   sing N N 102 
GLN C   O    doub N N 103 
GLN C   OXT  sing N N 104 
GLN CB  CG   sing N N 105 
GLN CB  HB2  sing N N 106 
GLN CB  HB3  sing N N 107 
GLN CG  CD   sing N N 108 
GLN CG  HG2  sing N N 109 
GLN CG  HG3  sing N N 110 
GLN CD  OE1  doub N N 111 
GLN CD  NE2  sing N N 112 
GLN NE2 HE21 sing N N 113 
GLN NE2 HE22 sing N N 114 
GLN OXT HXT  sing N N 115 
GLU N   CA   sing N N 116 
GLU N   H    sing N N 117 
GLU N   H2   sing N N 118 
GLU CA  C    sing N N 119 
GLU CA  CB   sing N N 120 
GLU CA  HA   sing N N 121 
GLU C   O    doub N N 122 
GLU C   OXT  sing N N 123 
GLU CB  CG   sing N N 124 
GLU CB  HB2  sing N N 125 
GLU CB  HB3  sing N N 126 
GLU CG  CD   sing N N 127 
GLU CG  HG2  sing N N 128 
GLU CG  HG3  sing N N 129 
GLU CD  OE1  doub N N 130 
GLU CD  OE2  sing N N 131 
GLU OE2 HE2  sing N N 132 
GLU OXT HXT  sing N N 133 
GLY N   CA   sing N N 134 
GLY N   H    sing N N 135 
GLY N   H2   sing N N 136 
GLY CA  C    sing N N 137 
GLY CA  HA2  sing N N 138 
GLY CA  HA3  sing N N 139 
GLY C   O    doub N N 140 
GLY C   OXT  sing N N 141 
GLY OXT HXT  sing N N 142 
HIS N   CA   sing N N 143 
HIS N   H    sing N N 144 
HIS N   H2   sing N N 145 
HIS CA  C    sing N N 146 
HIS CA  CB   sing N N 147 
HIS CA  HA   sing N N 148 
HIS C   O    doub N N 149 
HIS C   OXT  sing N N 150 
HIS CB  CG   sing N N 151 
HIS CB  HB2  sing N N 152 
HIS CB  HB3  sing N N 153 
HIS CG  ND1  sing Y N 154 
HIS CG  CD2  doub Y N 155 
HIS ND1 CE1  doub Y N 156 
HIS ND1 HD1  sing N N 157 
HIS CD2 NE2  sing Y N 158 
HIS CD2 HD2  sing N N 159 
HIS CE1 NE2  sing Y N 160 
HIS CE1 HE1  sing N N 161 
HIS NE2 HE2  sing N N 162 
HIS OXT HXT  sing N N 163 
HOH O   H1   sing N N 164 
HOH O   H2   sing N N 165 
ILE N   CA   sing N N 166 
ILE N   H    sing N N 167 
ILE N   H2   sing N N 168 
ILE CA  C    sing N N 169 
ILE CA  CB   sing N N 170 
ILE CA  HA   sing N N 171 
ILE C   O    doub N N 172 
ILE C   OXT  sing N N 173 
ILE CB  CG1  sing N N 174 
ILE CB  CG2  sing N N 175 
ILE CB  HB   sing N N 176 
ILE CG1 CD1  sing N N 177 
ILE CG1 HG12 sing N N 178 
ILE CG1 HG13 sing N N 179 
ILE CG2 HG21 sing N N 180 
ILE CG2 HG22 sing N N 181 
ILE CG2 HG23 sing N N 182 
ILE CD1 HD11 sing N N 183 
ILE CD1 HD12 sing N N 184 
ILE CD1 HD13 sing N N 185 
ILE OXT HXT  sing N N 186 
LEU N   CA   sing N N 187 
LEU N   H    sing N N 188 
LEU N   H2   sing N N 189 
LEU CA  C    sing N N 190 
LEU CA  CB   sing N N 191 
LEU CA  HA   sing N N 192 
LEU C   O    doub N N 193 
LEU C   OXT  sing N N 194 
LEU CB  CG   sing N N 195 
LEU CB  HB2  sing N N 196 
LEU CB  HB3  sing N N 197 
LEU CG  CD1  sing N N 198 
LEU CG  CD2  sing N N 199 
LEU CG  HG   sing N N 200 
LEU CD1 HD11 sing N N 201 
LEU CD1 HD12 sing N N 202 
LEU CD1 HD13 sing N N 203 
LEU CD2 HD21 sing N N 204 
LEU CD2 HD22 sing N N 205 
LEU CD2 HD23 sing N N 206 
LEU OXT HXT  sing N N 207 
LYS N   CA   sing N N 208 
LYS N   H    sing N N 209 
LYS N   H2   sing N N 210 
LYS CA  C    sing N N 211 
LYS CA  CB   sing N N 212 
LYS CA  HA   sing N N 213 
LYS C   O    doub N N 214 
LYS C   OXT  sing N N 215 
LYS CB  CG   sing N N 216 
LYS CB  HB2  sing N N 217 
LYS CB  HB3  sing N N 218 
LYS CG  CD   sing N N 219 
LYS CG  HG2  sing N N 220 
LYS CG  HG3  sing N N 221 
LYS CD  CE   sing N N 222 
LYS CD  HD2  sing N N 223 
LYS CD  HD3  sing N N 224 
LYS CE  NZ   sing N N 225 
LYS CE  HE2  sing N N 226 
LYS CE  HE3  sing N N 227 
LYS NZ  HZ1  sing N N 228 
LYS NZ  HZ2  sing N N 229 
LYS NZ  HZ3  sing N N 230 
LYS OXT HXT  sing N N 231 
MSE N   CA   sing N N 232 
MSE N   H    sing N N 233 
MSE N   H2   sing N N 234 
MSE CA  C    sing N N 235 
MSE CA  CB   sing N N 236 
MSE CA  HA   sing N N 237 
MSE C   O    doub N N 238 
MSE C   OXT  sing N N 239 
MSE OXT HXT  sing N N 240 
MSE CB  CG   sing N N 241 
MSE CB  HB2  sing N N 242 
MSE CB  HB3  sing N N 243 
MSE CG  SE   sing N N 244 
MSE CG  HG2  sing N N 245 
MSE CG  HG3  sing N N 246 
MSE SE  CE   sing N N 247 
MSE CE  HE1  sing N N 248 
MSE CE  HE2  sing N N 249 
MSE CE  HE3  sing N N 250 
PRO N   CA   sing N N 251 
PRO N   CD   sing N N 252 
PRO N   H    sing N N 253 
PRO CA  C    sing N N 254 
PRO CA  CB   sing N N 255 
PRO CA  HA   sing N N 256 
PRO C   O    doub N N 257 
PRO C   OXT  sing N N 258 
PRO CB  CG   sing N N 259 
PRO CB  HB2  sing N N 260 
PRO CB  HB3  sing N N 261 
PRO CG  CD   sing N N 262 
PRO CG  HG2  sing N N 263 
PRO CG  HG3  sing N N 264 
PRO CD  HD2  sing N N 265 
PRO CD  HD3  sing N N 266 
PRO OXT HXT  sing N N 267 
SER N   CA   sing N N 268 
SER N   H    sing N N 269 
SER N   H2   sing N N 270 
SER CA  C    sing N N 271 
SER CA  CB   sing N N 272 
SER CA  HA   sing N N 273 
SER C   O    doub N N 274 
SER C   OXT  sing N N 275 
SER CB  OG   sing N N 276 
SER CB  HB2  sing N N 277 
SER CB  HB3  sing N N 278 
SER OG  HG   sing N N 279 
SER OXT HXT  sing N N 280 
THR N   CA   sing N N 281 
THR N   H    sing N N 282 
THR N   H2   sing N N 283 
THR CA  C    sing N N 284 
THR CA  CB   sing N N 285 
THR CA  HA   sing N N 286 
THR C   O    doub N N 287 
THR C   OXT  sing N N 288 
THR CB  OG1  sing N N 289 
THR CB  CG2  sing N N 290 
THR CB  HB   sing N N 291 
THR OG1 HG1  sing N N 292 
THR CG2 HG21 sing N N 293 
THR CG2 HG22 sing N N 294 
THR CG2 HG23 sing N N 295 
THR OXT HXT  sing N N 296 
TYR N   CA   sing N N 297 
TYR N   H    sing N N 298 
TYR N   H2   sing N N 299 
TYR CA  C    sing N N 300 
TYR CA  CB   sing N N 301 
TYR CA  HA   sing N N 302 
TYR C   O    doub N N 303 
TYR C   OXT  sing N N 304 
TYR CB  CG   sing N N 305 
TYR CB  HB2  sing N N 306 
TYR CB  HB3  sing N N 307 
TYR CG  CD1  doub Y N 308 
TYR CG  CD2  sing Y N 309 
TYR CD1 CE1  sing Y N 310 
TYR CD1 HD1  sing N N 311 
TYR CD2 CE2  doub Y N 312 
TYR CD2 HD2  sing N N 313 
TYR CE1 CZ   doub Y N 314 
TYR CE1 HE1  sing N N 315 
TYR CE2 CZ   sing Y N 316 
TYR CE2 HE2  sing N N 317 
TYR CZ  OH   sing N N 318 
TYR OH  HH   sing N N 319 
TYR OXT HXT  sing N N 320 
VAL N   CA   sing N N 321 
VAL N   H    sing N N 322 
VAL N   H2   sing N N 323 
VAL CA  C    sing N N 324 
VAL CA  CB   sing N N 325 
VAL CA  HA   sing N N 326 
VAL C   O    doub N N 327 
VAL C   OXT  sing N N 328 
VAL CB  CG1  sing N N 329 
VAL CB  CG2  sing N N 330 
VAL CB  HB   sing N N 331 
VAL CG1 HG11 sing N N 332 
VAL CG1 HG12 sing N N 333 
VAL CG1 HG13 sing N N 334 
VAL CG2 HG21 sing N N 335 
VAL CG2 HG22 sing N N 336 
VAL CG2 HG23 sing N N 337 
VAL OXT HXT  sing N N 338 
# 
_atom_sites.entry_id                    3HZ7 
_atom_sites.fract_transf_matrix[1][1]   0.02161252 
_atom_sites.fract_transf_matrix[1][2]   0.00078330 
_atom_sites.fract_transf_matrix[1][3]   0.00197829 
_atom_sites.fract_transf_matrix[2][1]   -0.00162568 
_atom_sites.fract_transf_matrix[2][2]   0.01910605 
_atom_sites.fract_transf_matrix[2][3]   0.01019531 
_atom_sites.fract_transf_matrix[3][1]   -0.00076332 
_atom_sites.fract_transf_matrix[3][2]   -0.00572430 
_atom_sites.fract_transf_matrix[3][3]   0.01060564 
_atom_sites.fract_transf_vector[1]      0.755313 
_atom_sites.fract_transf_vector[2]      0.311114 
_atom_sites.fract_transf_vector[3]      0.372972 
# 
loop_
_atom_type.symbol 
C  
N  
O  
S  
SE 
# 
loop_
_atom_site.group_PDB 
_atom_site.id 
_atom_site.type_symbol 
_atom_site.label_atom_id 
_atom_site.label_alt_id 
_atom_site.label_comp_id 
_atom_site.label_asym_id 
_atom_site.label_entity_id 
_atom_site.label_seq_id 
_atom_site.pdbx_PDB_ins_code 
_atom_site.Cartn_x 
_atom_site.Cartn_y 
_atom_site.Cartn_z 
_atom_site.occupancy 
_atom_site.B_iso_or_equiv 
_atom_site.pdbx_formal_charge 
_atom_site.auth_seq_id 
_atom_site.auth_comp_id 
_atom_site.auth_asym_id 
_atom_site.auth_atom_id 
_atom_site.pdbx_PDB_model_num 
HETATM 1   N  N   . MSE A 1 1  ? 2.942   10.389  -7.967  1.00 26.43 ? 1   MSE A N   1 
HETATM 2   C  CA  . MSE A 1 1  ? 2.357   9.407   -7.013  1.00 28.73 ? 1   MSE A CA  1 
HETATM 3   C  C   . MSE A 1 1  ? 1.612   8.281   -7.757  1.00 22.98 ? 1   MSE A C   1 
HETATM 4   O  O   . MSE A 1 1  ? 1.268   8.447   -8.920  1.00 29.16 ? 1   MSE A O   1 
HETATM 5   C  CB  . MSE A 1 1  ? 1.399   10.140  -6.052  1.00 26.05 ? 1   MSE A CB  1 
HETATM 6   C  CG  . MSE A 1 1  ? 0.710   9.224   -5.059  1.00 42.11 ? 1   MSE A CG  1 
HETATM 7   SE SE  . MSE A 1 1  ? -0.808  10.108  -4.152  1.00 66.86 ? 1   MSE A SE  1 
HETATM 8   C  CE  . MSE A 1 1  ? -0.646  9.312   -2.393  1.00 41.66 ? 1   MSE A CE  1 
ATOM   9   N  N   . ILE A 1 2  ? 1.405   7.130   -7.119  1.00 21.39 ? 2   ILE A N   1 
ATOM   10  C  CA  . ILE A 1 2  ? 0.688   6.028   -7.744  1.00 19.36 ? 2   ILE A CA  1 
ATOM   11  C  C   . ILE A 1 2  ? -0.372  5.446   -6.784  1.00 20.30 ? 2   ILE A C   1 
ATOM   12  O  O   . ILE A 1 2  ? -0.098  5.218   -5.609  1.00 20.01 ? 2   ILE A O   1 
ATOM   13  C  CB  . ILE A 1 2  ? 1.676   4.922   -8.257  1.00 29.63 ? 2   ILE A CB  1 
ATOM   14  C  CG1 . ILE A 1 2  ? 0.915   3.750   -8.877  1.00 31.74 ? 2   ILE A CG1 1 
ATOM   15  C  CG2 . ILE A 1 2  ? 2.482   4.339   -7.134  1.00 34.92 ? 2   ILE A CG2 1 
ATOM   16  C  CD1 . ILE A 1 2  ? 0.414   2.766   -7.888  1.00 33.65 ? 2   ILE A CD1 1 
ATOM   17  N  N   . THR A 1 3  ? -1.585  5.273   -7.294  1.00 16.90 ? 3   THR A N   1 
ATOM   18  C  CA  . THR A 1 3  ? -2.714  4.730   -6.539  1.00 15.69 ? 3   THR A CA  1 
ATOM   19  C  C   . THR A 1 3  ? -3.157  3.429   -7.148  1.00 18.78 ? 3   THR A C   1 
ATOM   20  O  O   . THR A 1 3  ? -3.411  3.344   -8.354  1.00 18.52 ? 3   THR A O   1 
ATOM   21  C  CB  . THR A 1 3  ? -3.881  5.726   -6.475  1.00 23.08 ? 3   THR A CB  1 
ATOM   22  O  OG1 . THR A 1 3  ? -3.388  6.875   -5.798  1.00 23.17 ? 3   THR A OG1 1 
ATOM   23  C  CG2 . THR A 1 3  ? -5.133  5.162   -5.587  1.00 17.09 ? 3   THR A CG2 1 
ATOM   24  N  N   . ILE A 1 4  ? -3.124  2.396   -6.319  1.00 14.05 ? 4   ILE A N   1 
ATOM   25  C  CA  . ILE A 1 4  ? -3.507  1.078   -6.732  1.00 15.34 ? 4   ILE A CA  1 
ATOM   26  C  C   . ILE A 1 4  ? -4.900  0.760   -6.170  1.00 19.58 ? 4   ILE A C   1 
ATOM   27  O  O   . ILE A 1 4  ? -5.061  0.742   -4.966  1.00 22.40 ? 4   ILE A O   1 
ATOM   28  C  CB  . ILE A 1 4  ? -2.523  0.029   -6.188  1.00 17.37 ? 4   ILE A CB  1 
ATOM   29  C  CG1 . ILE A 1 4  ? -1.101  0.367   -6.764  1.00 26.75 ? 4   ILE A CG1 1 
ATOM   30  C  CG2 . ILE A 1 4  ? -3.101  -1.492  -6.535  1.00 11.59 ? 4   ILE A CG2 1 
ATOM   31  C  CD1 . ILE A 1 4  ? 0.007   -0.650  -6.626  1.00 19.71 ? 4   ILE A CD1 1 
ATOM   32  N  N   . ASP A 1 5  ? -5.889  0.530   -7.026  1.00 15.41 ? 5   ASP A N   1 
ATOM   33  C  CA  . ASP A 1 5  ? -7.218  0.151   -6.493  1.00 21.05 ? 5   ASP A CA  1 
ATOM   34  C  C   . ASP A 1 5  ? -7.199  -1.373  -6.459  1.00 22.64 ? 5   ASP A C   1 
ATOM   35  O  O   . ASP A 1 5  ? -7.154  -2.033  -7.498  1.00 21.20 ? 5   ASP A O   1 
ATOM   36  C  CB  . ASP A 1 5  ? -8.349  0.594   -7.421  1.00 23.57 ? 5   ASP A CB  1 
ATOM   37  C  CG  . ASP A 1 5  ? -9.739  0.126   -6.932  1.00 26.46 ? 5   ASP A CG  1 
ATOM   38  O  OD1 . ASP A 1 5  ? -9.837  -0.813  -6.107  1.00 24.18 ? 5   ASP A OD1 1 
ATOM   39  O  OD2 . ASP A 1 5  ? -10.722 0.714   -7.401  1.00 28.83 ? 5   ASP A OD2 1 
ATOM   40  N  N   . ALA A 1 6  ? -7.168  -1.919  -5.255  1.00 21.44 ? 6   ALA A N   1 
ATOM   41  C  CA  . ALA A 1 6  ? -7.144  -3.352  -5.050  1.00 20.45 ? 6   ALA A CA  1 
ATOM   42  C  C   . ALA A 1 6  ? -8.410  -3.775  -4.292  1.00 19.38 ? 6   ALA A C   1 
ATOM   43  O  O   . ALA A 1 6  ? -8.402  -4.798  -3.580  1.00 26.10 ? 6   ALA A O   1 
ATOM   44  C  CB  . ALA A 1 6  ? -5.955  -3.704  -4.249  1.00 19.98 ? 6   ALA A CB  1 
ATOM   45  N  N   . LEU A 1 7  ? -9.483  -3.013  -4.431  1.00 23.70 ? 7   LEU A N   1 
ATOM   46  C  CA  . LEU A 1 7  ? -10.721 -3.353  -3.717  1.00 25.07 ? 7   LEU A CA  1 
ATOM   47  C  C   . LEU A 1 7  ? -11.279 -4.625  -4.329  1.00 27.90 ? 7   LEU A C   1 
ATOM   48  O  O   . LEU A 1 7  ? -11.244 -4.802  -5.546  1.00 30.19 ? 7   LEU A O   1 
ATOM   49  C  CB  . LEU A 1 7  ? -11.739 -2.215  -3.828  1.00 29.60 ? 7   LEU A CB  1 
ATOM   50  C  CG  . LEU A 1 7  ? -11.304 -0.912  -3.129  1.00 19.35 ? 7   LEU A CG  1 
ATOM   51  C  CD1 . LEU A 1 7  ? -12.226 0.202   -3.582  1.00 22.81 ? 7   LEU A CD1 1 
ATOM   52  C  CD2 . LEU A 1 7  ? -11.313 -1.063  -1.617  1.00 26.72 ? 7   LEU A CD2 1 
ATOM   53  N  N   . GLY A 1 8  ? -11.752 -5.538  -3.492  1.00 29.71 ? 8   GLY A N   1 
ATOM   54  C  CA  . GLY A 1 8  ? -12.289 -6.776  -4.025  1.00 36.65 ? 8   GLY A CA  1 
ATOM   55  C  C   . GLY A 1 8  ? -11.231 -7.848  -4.227  1.00 40.09 ? 8   GLY A C   1 
ATOM   56  O  O   . GLY A 1 8  ? -11.585 -9.000  -4.447  1.00 34.13 ? 8   GLY A O   1 
ATOM   57  N  N   . GLN A 1 9  ? -9.944  -7.483  -4.151  1.00 34.07 ? 9   GLN A N   1 
ATOM   58  C  CA  . GLN A 1 9  ? -8.871  -8.454  -4.346  1.00 30.64 ? 9   GLN A CA  1 
ATOM   59  C  C   . GLN A 1 9  ? -8.473  -9.094  -3.034  1.00 27.39 ? 9   GLN A C   1 
ATOM   60  O  O   . GLN A 1 9  ? -8.411  -8.426  -1.997  1.00 31.10 ? 9   GLN A O   1 
ATOM   61  C  CB  . GLN A 1 9  ? -7.654  -7.784  -5.026  1.00 28.36 ? 9   GLN A CB  1 
ATOM   62  C  CG  . GLN A 1 9  ? -7.896  -7.409  -6.491  1.00 38.21 ? 9   GLN A CG  1 
ATOM   63  C  CD  . GLN A 1 9  ? -7.858  -8.632  -7.440  1.00 50.03 ? 9   GLN A CD  1 
ATOM   64  O  OE1 . GLN A 1 9  ? -8.252  -8.564  -8.632  1.00 44.63 ? 9   GLN A OE1 1 
ATOM   65  N  NE2 . GLN A 1 9  ? -7.384  -9.756  -6.910  1.00 45.87 ? 9   GLN A NE2 1 
ATOM   66  N  N   . VAL A 1 10 ? -8.221  -10.398 -3.058  1.00 22.51 ? 10  VAL A N   1 
ATOM   67  C  CA  . VAL A 1 10 ? -7.875  -11.077 -1.842  1.00 24.82 ? 10  VAL A CA  1 
ATOM   68  C  C   . VAL A 1 10 ? -6.389  -11.186 -1.740  1.00 17.93 ? 10  VAL A C   1 
ATOM   69  O  O   . VAL A 1 10 ? -5.698  -11.324 -2.741  1.00 27.99 ? 10  VAL A O   1 
ATOM   70  C  CB  . VAL A 1 10 ? -8.563  -12.534 -1.744  1.00 38.86 ? 10  VAL A CB  1 
ATOM   71  C  CG1 . VAL A 1 10 ? -9.138  -12.949 -3.103  1.00 40.73 ? 10  VAL A CG1 1 
ATOM   72  C  CG2 . VAL A 1 10 ? -7.551  -13.595 -1.269  1.00 39.90 ? 10  VAL A CG2 1 
HETATM 73  N  N   . CSS A 1 11 ? -5.910  -11.138 -0.513  1.00 22.02 ? 11  CSS A N   1 
HETATM 74  C  CA  . CSS A 1 11 ? -4.501  -11.260 -0.177  1.00 24.54 ? 11  CSS A CA  1 
HETATM 75  C  CB  . CSS A 1 11 ? -4.359  -11.219 1.350   1.00 31.76 ? 11  CSS A CB  1 
HETATM 76  S  SG  . CSS A 1 11 ? -4.599  -9.497  2.026   1.00 42.74 ? 11  CSS A SG  1 
HETATM 77  S  SD  . CSS A 1 11 ? -2.883  -8.530  1.239   1.00 19.91 ? 11  CSS A SD  1 
HETATM 78  C  C   . CSS A 1 11 ? -3.902  -12.554 -0.759  1.00 31.55 ? 11  CSS A C   1 
HETATM 79  O  O   . CSS A 1 11 ? -4.629  -13.569 -0.932  1.00 30.91 ? 11  CSS A O   1 
ATOM   80  N  N   . PRO A 1 12 ? -2.593  -12.531 -1.090  1.00 26.44 ? 12  PRO A N   1 
ATOM   81  C  CA  . PRO A 1 12 ? -1.668  -11.394 -0.971  1.00 23.85 ? 12  PRO A CA  1 
ATOM   82  C  C   . PRO A 1 12 ? -1.563  -10.467 -2.219  1.00 17.95 ? 12  PRO A C   1 
ATOM   83  O  O   . PRO A 1 12 ? -0.582  -9.804  -2.401  1.00 23.55 ? 12  PRO A O   1 
ATOM   84  C  CB  . PRO A 1 12 ? -0.346  -12.081 -0.651  1.00 21.34 ? 12  PRO A CB  1 
ATOM   85  C  CG  . PRO A 1 12 ? -0.398  -13.254 -1.615  1.00 27.78 ? 12  PRO A CG  1 
ATOM   86  C  CD  . PRO A 1 12 ? -1.842  -13.756 -1.444  1.00 28.11 ? 12  PRO A CD  1 
ATOM   87  N  N   . ILE A 1 13 ? -2.593  -10.423 -3.042  1.00 21.35 ? 13  ILE A N   1 
ATOM   88  C  CA  . ILE A 1 13 ? -2.601  -9.582  -4.232  1.00 27.78 ? 13  ILE A CA  1 
ATOM   89  C  C   . ILE A 1 13 ? -2.323  -8.101  -3.966  1.00 25.03 ? 13  ILE A C   1 
ATOM   90  O  O   . ILE A 1 13 ? -1.401  -7.533  -4.594  1.00 19.76 ? 13  ILE A O   1 
ATOM   91  C  CB  . ILE A 1 13 ? -3.960  -9.700  -4.987  1.00 26.64 ? 13  ILE A CB  1 
ATOM   92  C  CG1 . ILE A 1 13 ? -4.161  -11.152 -5.447  1.00 31.90 ? 13  ILE A CG1 1 
ATOM   93  C  CG2 . ILE A 1 13 ? -4.030  -8.668  -6.219  1.00 21.03 ? 13  ILE A CG2 1 
ATOM   94  C  CD1 . ILE A 1 13 ? -3.305  -11.612 -6.619  1.00 26.32 ? 13  ILE A CD1 1 
ATOM   95  N  N   . PRO A 1 14 ? -3.070  -7.469  -3.015  1.00 20.90 ? 14  PRO A N   1 
ATOM   96  C  CA  . PRO A 1 14 ? -2.795  -6.038  -2.777  1.00 20.86 ? 14  PRO A CA  1 
ATOM   97  C  C   . PRO A 1 14 ? -1.360  -5.787  -2.427  1.00 19.34 ? 14  PRO A C   1 
ATOM   98  O  O   . PRO A 1 14 ? -0.767  -4.857  -2.985  1.00 20.38 ? 14  PRO A O   1 
ATOM   99  C  CB  . PRO A 1 14 ? -3.758  -5.644  -1.635  1.00 22.63 ? 14  PRO A CB  1 
ATOM   100 C  CG  . PRO A 1 14 ? -4.945  -6.671  -1.786  1.00 18.40 ? 14  PRO A CG  1 
ATOM   101 C  CD  . PRO A 1 14 ? -4.122  -7.969  -2.077  1.00 20.57 ? 14  PRO A CD  1 
ATOM   102 N  N   . VAL A 1 15 ? -0.794  -6.626  -1.552  1.00 12.14 ? 15  VAL A N   1 
ATOM   103 C  CA  . VAL A 1 15 ? 0.573   -6.470  -1.111  1.00 17.60 ? 15  VAL A CA  1 
ATOM   104 C  C   . VAL A 1 15 ? 1.586   -6.660  -2.234  1.00 18.28 ? 15  VAL A C   1 
ATOM   105 O  O   . VAL A 1 15 ? 2.602   -5.990  -2.261  1.00 18.64 ? 15  VAL A O   1 
ATOM   106 C  CB  . VAL A 1 15 ? 0.972   -7.448  0.041   1.00 19.52 ? 15  VAL A CB  1 
ATOM   107 C  CG1 . VAL A 1 15 ? 2.520   -7.440  0.220   1.00 29.92 ? 15  VAL A CG1 1 
ATOM   108 C  CG2 . VAL A 1 15 ? 0.365   -7.008  1.342   1.00 32.73 ? 15  VAL A CG2 1 
ATOM   109 N  N   . ILE A 1 16 ? 1.320   -7.619  -3.121  1.00 18.26 ? 16  ILE A N   1 
ATOM   110 C  CA  . ILE A 1 16 ? 2.200   -7.887  -4.245  1.00 16.33 ? 16  ILE A CA  1 
ATOM   111 C  C   . ILE A 1 16 ? 2.169   -6.686  -5.236  1.00 12.46 ? 16  ILE A C   1 
ATOM   112 O  O   . ILE A 1 16 ? 3.216   -6.192  -5.691  1.00 16.06 ? 16  ILE A O   1 
ATOM   113 C  CB  . ILE A 1 16 ? 1.736   -9.208  -4.924  1.00 16.17 ? 16  ILE A CB  1 
ATOM   114 C  CG1 . ILE A 1 16 ? 2.127   -10.366 -3.986  1.00 19.26 ? 16  ILE A CG1 1 
ATOM   115 C  CG2 . ILE A 1 16 ? 2.368   -9.350  -6.350  1.00 18.62 ? 16  ILE A CG2 1 
ATOM   116 C  CD1 . ILE A 1 16 ? 1.677   -11.769 -4.385  1.00 23.08 ? 16  ILE A CD1 1 
ATOM   117 N  N   . ARG A 1 17 ? 0.972   -6.191  -5.531  1.00 16.02 ? 17  ARG A N   1 
ATOM   118 C  CA  . ARG A 1 17 ? 0.857   -5.068  -6.432  1.00 16.30 ? 17  ARG A CA  1 
ATOM   119 C  C   . ARG A 1 17 ? 1.595   -3.863  -5.824  1.00 20.98 ? 17  ARG A C   1 
ATOM   120 O  O   . ARG A 1 17 ? 2.328   -3.142  -6.500  1.00 16.67 ? 17  ARG A O   1 
ATOM   121 C  CB  . ARG A 1 17 ? -0.640  -4.811  -6.692  1.00 21.51 ? 17  ARG A CB  1 
ATOM   122 C  CG  . ARG A 1 17 ? -1.332  -5.890  -7.575  1.00 22.86 ? 17  ARG A CG  1 
ATOM   123 C  CD  . ARG A 1 17 ? -2.796  -5.604  -7.923  1.00 21.42 ? 17  ARG A CD  1 
ATOM   124 N  NE  . ARG A 1 17 ? -2.902  -4.363  -8.687  1.00 29.18 ? 17  ARG A NE  1 
ATOM   125 C  CZ  . ARG A 1 17 ? -4.033  -3.676  -8.886  1.00 37.27 ? 17  ARG A CZ  1 
ATOM   126 N  NH1 . ARG A 1 17 ? -5.197  -4.093  -8.368  1.00 25.44 ? 17  ARG A NH1 1 
ATOM   127 N  NH2 . ARG A 1 17 ? -4.002  -2.556  -9.614  1.00 36.15 ? 17  ARG A NH2 1 
ATOM   128 N  N   . ALA A 1 18 ? 1.445   -3.666  -4.515  1.00 20.26 ? 18  ALA A N   1 
ATOM   129 C  CA  . ALA A 1 18 ? 2.111   -2.565  -3.849  1.00 22.55 ? 18  ALA A CA  1 
ATOM   130 C  C   . ALA A 1 18 ? 3.597   -2.731  -3.865  1.00 19.74 ? 18  ALA A C   1 
ATOM   131 O  O   . ALA A 1 18 ? 4.319   -1.766  -4.123  1.00 21.65 ? 18  ALA A O   1 
ATOM   132 C  CB  . ALA A 1 18 ? 1.611   -2.408  -2.346  1.00 19.67 ? 18  ALA A CB  1 
ATOM   133 N  N   . LYS A 1 19 ? 4.081   -3.939  -3.594  1.00 17.43 ? 19  LYS A N   1 
ATOM   134 C  CA  . LYS A 1 19 ? 5.516   -4.121  -3.560  1.00 24.27 ? 19  LYS A CA  1 
ATOM   135 C  C   . LYS A 1 19 ? 6.148   -3.915  -4.957  1.00 22.45 ? 19  LYS A C   1 
ATOM   136 O  O   . LYS A 1 19 ? 7.229   -3.324  -5.087  1.00 28.04 ? 19  LYS A O   1 
ATOM   137 C  CB  . LYS A 1 19 ? 5.879   -5.521  -2.987  1.00 26.49 ? 19  LYS A CB  1 
ATOM   138 C  CG  . LYS A 1 19 ? 7.383   -5.676  -2.748  1.00 27.52 ? 19  LYS A CG  1 
ATOM   139 C  CD  . LYS A 1 19 ? 7.688   -6.923  -1.947  1.00 43.94 ? 19  LYS A CD  1 
ATOM   140 C  CE  . LYS A 1 19 ? 9.183   -7.203  -1.897  1.00 51.26 ? 19  LYS A CE  1 
ATOM   141 N  NZ  . LYS A 1 19 ? 9.478   -8.247  -0.865  1.00 55.24 ? 19  LYS A NZ  1 
ATOM   142 N  N   . LYS A 1 20 ? 5.474   -4.395  -5.986  1.00 25.52 ? 20  LYS A N   1 
ATOM   143 C  CA  . LYS A 1 20 ? 5.944   -4.240  -7.370  1.00 27.77 ? 20  LYS A CA  1 
ATOM   144 C  C   . LYS A 1 20 ? 6.005   -2.742  -7.675  1.00 23.75 ? 20  LYS A C   1 
ATOM   145 O  O   . LYS A 1 20 ? 6.956   -2.247  -8.268  1.00 22.78 ? 20  LYS A O   1 
ATOM   146 C  CB  . LYS A 1 20 ? 4.961   -4.858  -8.358  1.00 28.16 ? 20  LYS A CB  1 
ATOM   147 C  CG  . LYS A 1 20 ? 4.774   -6.354  -8.241  1.00 39.94 ? 20  LYS A CG  1 
ATOM   148 C  CD  . LYS A 1 20 ? 3.959   -6.900  -9.413  1.00 34.38 ? 20  LYS A CD  1 
ATOM   149 C  CE  . LYS A 1 20 ? 4.502   -6.448  -10.753 1.00 35.00 ? 20  LYS A CE  1 
ATOM   150 N  NZ  . LYS A 1 20 ? 4.155   -7.415  -11.835 1.00 36.91 ? 20  LYS A NZ  1 
ATOM   151 N  N   . ALA A 1 21 ? 4.976   -2.013  -7.292  1.00 21.59 ? 21  ALA A N   1 
ATOM   152 C  CA  . ALA A 1 21 ? 5.014   -0.572  -7.566  1.00 21.94 ? 21  ALA A CA  1 
ATOM   153 C  C   . ALA A 1 21 ? 6.145   0.137   -6.825  1.00 24.40 ? 21  ALA A C   1 
ATOM   154 O  O   . ALA A 1 21 ? 6.771   1.096   -7.388  1.00 23.93 ? 21  ALA A O   1 
ATOM   155 C  CB  . ALA A 1 21 ? 3.661   0.095   -7.228  1.00 19.77 ? 21  ALA A CB  1 
ATOM   156 N  N   . LEU A 1 22 ? 6.416   -0.280  -5.577  1.00 26.75 ? 22  LEU A N   1 
ATOM   157 C  CA  . LEU A 1 22 ? 7.492   0.358   -4.806  1.00 26.84 ? 22  LEU A CA  1 
ATOM   158 C  C   . LEU A 1 22 ? 8.883   0.012   -5.350  1.00 28.18 ? 22  LEU A C   1 
ATOM   159 O  O   . LEU A 1 22 ? 9.737   0.870   -5.468  1.00 22.83 ? 22  LEU A O   1 
ATOM   160 C  CB  . LEU A 1 22 ? 7.392   -0.011  -3.329  1.00 32.00 ? 22  LEU A CB  1 
ATOM   161 C  CG  . LEU A 1 22 ? 6.222   0.661   -2.607  1.00 32.31 ? 22  LEU A CG  1 
ATOM   162 C  CD1 . LEU A 1 22 ? 5.743   -0.179  -1.405  1.00 26.01 ? 22  LEU A CD1 1 
ATOM   163 C  CD2 . LEU A 1 22 ? 6.659   2.072   -2.222  1.00 32.24 ? 22  LEU A CD2 1 
ATOM   164 N  N   . ALA A 1 23 ? 9.097   -1.246  -5.685  1.00 28.28 ? 23  ALA A N   1 
ATOM   165 C  CA  . ALA A 1 23 ? 10.378  -1.692  -6.214  1.00 36.12 ? 23  ALA A CA  1 
ATOM   166 C  C   . ALA A 1 23 ? 10.672  -1.037  -7.574  1.00 41.51 ? 23  ALA A C   1 
ATOM   167 O  O   . ALA A 1 23 ? 11.833  -0.995  -8.030  1.00 36.06 ? 23  ALA A O   1 
ATOM   168 C  CB  . ALA A 1 23 ? 10.379  -3.258  -6.355  1.00 30.93 ? 23  ALA A CB  1 
ATOM   169 N  N   . GLU A 1 24 ? 9.621   -0.532  -8.226  1.00 41.61 ? 24  GLU A N   1 
ATOM   170 C  CA  . GLU A 1 24 ? 9.787   0.089   -9.531  1.00 35.84 ? 24  GLU A CA  1 
ATOM   171 C  C   . GLU A 1 24 ? 10.137  1.562   -9.535  1.00 31.14 ? 24  GLU A C   1 
ATOM   172 O  O   . GLU A 1 24 ? 10.546  2.086   -10.567 1.00 29.64 ? 24  GLU A O   1 
ATOM   173 C  CB  . GLU A 1 24 ? 8.549   -0.155  -10.379 1.00 47.65 ? 24  GLU A CB  1 
ATOM   174 C  CG  . GLU A 1 24 ? 8.733   -1.389  -11.262 1.00 61.57 ? 24  GLU A CG  1 
ATOM   175 C  CD  . GLU A 1 24 ? 7.789   -2.505  -10.904 1.00 62.93 ? 24  GLU A CD  1 
ATOM   176 O  OE1 . GLU A 1 24 ? 6.608   -2.401  -11.313 1.00 71.90 ? 24  GLU A OE1 1 
ATOM   177 O  OE2 . GLU A 1 24 ? 8.221   -3.463  -10.214 1.00 49.12 ? 24  GLU A OE2 1 
ATOM   178 N  N   . LEU A 1 25 ? 9.990   2.193   -8.365  1.00 25.28 ? 25  LEU A N   1 
ATOM   179 C  CA  . LEU A 1 25 ? 10.271  3.604   -8.105  1.00 33.79 ? 25  LEU A CA  1 
ATOM   180 C  C   . LEU A 1 25 ? 11.757  3.974   -8.063  1.00 34.99 ? 25  LEU A C   1 
ATOM   181 O  O   . LEU A 1 25 ? 12.110  5.158   -7.918  1.00 39.43 ? 25  LEU A O   1 
ATOM   182 C  CB  . LEU A 1 25 ? 9.728   4.018   -6.744  1.00 26.63 ? 25  LEU A CB  1 
ATOM   183 C  CG  . LEU A 1 25 ? 8.260   4.182   -6.494  1.00 33.71 ? 25  LEU A CG  1 
ATOM   184 C  CD1 . LEU A 1 25 ? 8.091   4.707   -5.052  1.00 40.08 ? 25  LEU A CD1 1 
ATOM   185 C  CD2 . LEU A 1 25 ? 7.653   5.129   -7.519  1.00 28.58 ? 25  LEU A CD2 1 
ATOM   186 N  N   . GLY A 1 26 ? 12.621  2.987   -8.123  1.00 28.73 ? 26  GLY A N   1 
ATOM   187 C  CA  . GLY A 1 26 ? 14.023  3.306   -8.071  1.00 39.98 ? 26  GLY A CA  1 
ATOM   188 C  C   . GLY A 1 26 ? 14.466  4.059   -6.817  1.00 50.87 ? 26  GLY A C   1 
ATOM   189 O  O   . GLY A 1 26 ? 13.721  4.205   -5.811  1.00 52.20 ? 26  GLY A O   1 
ATOM   190 N  N   . GLU A 1 27 ? 15.708  4.529   -6.890  1.00 40.80 ? 27  GLU A N   1 
ATOM   191 C  CA  . GLU A 1 27 ? 16.366  5.252   -5.824  1.00 41.05 ? 27  GLU A CA  1 
ATOM   192 C  C   . GLU A 1 27 ? 15.652  6.556   -5.535  1.00 40.57 ? 27  GLU A C   1 
ATOM   193 O  O   . GLU A 1 27 ? 15.785  7.119   -4.459  1.00 41.38 ? 27  GLU A O   1 
ATOM   194 C  CB  . GLU A 1 27 ? 17.837  5.541   -6.223  1.00 50.22 ? 27  GLU A CB  1 
ATOM   195 C  CG  . GLU A 1 27 ? 18.610  4.319   -6.750  1.00 47.59 ? 27  GLU A CG  1 
ATOM   196 C  CD  . GLU A 1 27 ? 18.752  3.233   -5.692  1.00 46.85 ? 27  GLU A CD  1 
ATOM   197 O  OE1 . GLU A 1 27 ? 18.722  2.032   -6.020  1.00 52.97 ? 27  GLU A OE1 1 
ATOM   198 O  OE2 . GLU A 1 27 ? 18.902  3.580   -4.517  1.00 51.80 ? 27  GLU A OE2 1 
ATOM   199 N  N   . ALA A 1 28 ? 14.888  7.048   -6.494  1.00 45.78 ? 28  ALA A N   1 
ATOM   200 C  CA  . ALA A 1 28 ? 14.186  8.324   -6.305  1.00 45.55 ? 28  ALA A CA  1 
ATOM   201 C  C   . ALA A 1 28 ? 12.989  8.213   -5.322  1.00 42.81 ? 28  ALA A C   1 
ATOM   202 O  O   . ALA A 1 28 ? 12.503  9.196   -4.766  1.00 40.95 ? 28  ALA A O   1 
ATOM   203 C  CB  . ALA A 1 28 ? 13.715  8.845   -7.661  1.00 52.53 ? 28  ALA A CB  1 
ATOM   204 N  N   . GLY A 1 29 ? 12.517  7.017   -5.061  1.00 34.95 ? 29  GLY A N   1 
ATOM   205 C  CA  . GLY A 1 29 ? 11.396  6.982   -4.142  1.00 34.94 ? 29  GLY A CA  1 
ATOM   206 C  C   . GLY A 1 29 ? 10.149  7.639   -4.704  1.00 26.85 ? 29  GLY A C   1 
ATOM   207 O  O   . GLY A 1 29 ? 10.093  8.102   -5.850  1.00 26.86 ? 29  GLY A O   1 
ATOM   208 N  N   . GLY A 1 30 ? 9.148   7.717   -3.862  1.00 24.25 ? 30  GLY A N   1 
ATOM   209 C  CA  . GLY A 1 30 ? 7.874   8.242   -4.278  1.00 21.85 ? 30  GLY A CA  1 
ATOM   210 C  C   . GLY A 1 30 ? 6.815   7.741   -3.319  1.00 20.53 ? 30  GLY A C   1 
ATOM   211 O  O   . GLY A 1 30 ? 7.136   7.290   -2.189  1.00 24.71 ? 30  GLY A O   1 
ATOM   212 N  N   . VAL A 1 31 ? 5.571   7.763   -3.781  1.00 22.94 ? 31  VAL A N   1 
ATOM   213 C  CA  . VAL A 1 31 ? 4.450   7.398   -2.923  1.00 22.89 ? 31  VAL A CA  1 
ATOM   214 C  C   . VAL A 1 31 ? 3.546   6.389   -3.574  1.00 21.19 ? 31  VAL A C   1 
ATOM   215 O  O   . VAL A 1 31 ? 3.184   6.581   -4.731  1.00 17.92 ? 31  VAL A O   1 
ATOM   216 C  CB  . VAL A 1 31 ? 3.604   8.657   -2.603  1.00 22.86 ? 31  VAL A CB  1 
ATOM   217 C  CG1 . VAL A 1 31 ? 2.507   8.270   -1.611  1.00 19.57 ? 31  VAL A CG1 1 
ATOM   218 C  CG2 . VAL A 1 31 ? 4.508   9.809   -2.017  1.00 19.91 ? 31  VAL A CG2 1 
ATOM   219 N  N   . VAL A 1 32 ? 3.179   5.313   -2.846  1.00 19.66 ? 32  VAL A N   1 
ATOM   220 C  CA  . VAL A 1 32 ? 2.260   4.340   -3.421  1.00 17.97 ? 32  VAL A CA  1 
ATOM   221 C  C   . VAL A 1 32 ? 1.092   4.249   -2.465  1.00 14.52 ? 32  VAL A C   1 
ATOM   222 O  O   . VAL A 1 32 ? 1.256   3.902   -1.276  1.00 21.73 ? 32  VAL A O   1 
ATOM   223 C  CB  . VAL A 1 32 ? 2.920   2.912   -3.625  1.00 23.76 ? 32  VAL A CB  1 
ATOM   224 C  CG1 . VAL A 1 32 ? 1.859   1.897   -4.192  1.00 18.39 ? 32  VAL A CG1 1 
ATOM   225 C  CG2 . VAL A 1 32 ? 4.184   3.009   -4.602  1.00 17.69 ? 32  VAL A CG2 1 
ATOM   226 N  N   . THR A 1 33 ? -0.093  4.583   -2.928  1.00 18.25 ? 33  THR A N   1 
ATOM   227 C  CA  . THR A 1 33 ? -1.273  4.444   -2.050  1.00 19.15 ? 33  THR A CA  1 
ATOM   228 C  C   . THR A 1 33 ? -2.025  3.240   -2.594  1.00 22.16 ? 33  THR A C   1 
ATOM   229 O  O   . THR A 1 33 ? -2.046  3.016   -3.829  1.00 20.26 ? 33  THR A O   1 
ATOM   230 C  CB  . THR A 1 33 ? -2.199  5.621   -2.062  1.00 13.36 ? 33  THR A CB  1 
ATOM   231 O  OG1 . THR A 1 33 ? -2.030  6.324   -3.260  1.00 45.69 ? 33  THR A OG1 1 
ATOM   232 C  CG2 . THR A 1 33 ? -1.853  6.538   -1.033  1.00 42.15 ? 33  THR A CG2 1 
ATOM   233 N  N   . VAL A 1 34 ? -2.626  2.479   -1.677  1.00 19.62 ? 34  VAL A N   1 
ATOM   234 C  CA  . VAL A 1 34 ? -3.368  1.283   -2.050  1.00 16.91 ? 34  VAL A CA  1 
ATOM   235 C  C   . VAL A 1 34 ? -4.748  1.282   -1.419  1.00 17.14 ? 34  VAL A C   1 
ATOM   236 O  O   . VAL A 1 34 ? -4.872  1.485   -0.209  1.00 19.41 ? 34  VAL A O   1 
ATOM   237 C  CB  . VAL A 1 34 ? -2.635  0.022   -1.540  1.00 18.71 ? 34  VAL A CB  1 
ATOM   238 C  CG1 . VAL A 1 34 ? -3.225  -1.283  -2.240  1.00 14.57 ? 34  VAL A CG1 1 
ATOM   239 C  CG2 . VAL A 1 34 ? -1.132  0.200   -1.700  1.00 20.54 ? 34  VAL A CG2 1 
ATOM   240 N  N   . LEU A 1 35 ? -5.770  1.056   -2.217  1.00 15.21 ? 35  LEU A N   1 
ATOM   241 C  CA  . LEU A 1 35 ? -7.122  0.945   -1.669  1.00 18.87 ? 35  LEU A CA  1 
ATOM   242 C  C   . LEU A 1 35 ? -7.466  -0.550  -1.370  1.00 21.35 ? 35  LEU A C   1 
ATOM   243 O  O   . LEU A 1 35 ? -7.410  -1.427  -2.294  1.00 16.73 ? 35  LEU A O   1 
ATOM   244 C  CB  . LEU A 1 35 ? -8.136  1.538   -2.647  1.00 15.69 ? 35  LEU A CB  1 
ATOM   245 C  CG  . LEU A 1 35 ? -7.849  2.955   -3.167  1.00 22.40 ? 35  LEU A CG  1 
ATOM   246 C  CD1 . LEU A 1 35 ? -8.973  3.400   -4.176  1.00 24.70 ? 35  LEU A CD1 1 
ATOM   247 C  CD2 . LEU A 1 35 ? -7.815  3.926   -1.965  1.00 24.87 ? 35  LEU A CD2 1 
ATOM   248 N  N   . VAL A 1 36 ? -7.741  -0.859  -0.100  1.00 16.99 ? 36  VAL A N   1 
ATOM   249 C  CA  . VAL A 1 36 ? -8.153  -2.233  0.296   1.00 19.58 ? 36  VAL A CA  1 
ATOM   250 C  C   . VAL A 1 36 ? -9.464  -2.216  1.100   1.00 27.62 ? 36  VAL A C   1 
ATOM   251 O  O   . VAL A 1 36 ? -9.914  -1.176  1.601   1.00 20.36 ? 36  VAL A O   1 
ATOM   252 C  CB  . VAL A 1 36 ? -7.052  -3.043  1.047   1.00 20.33 ? 36  VAL A CB  1 
ATOM   253 C  CG1 . VAL A 1 36 ? -5.900  -3.269  0.090   1.00 24.36 ? 36  VAL A CG1 1 
ATOM   254 C  CG2 . VAL A 1 36 ? -6.556  -2.305  2.390   1.00 19.28 ? 36  VAL A CG2 1 
ATOM   255 N  N   . ASP A 1 37 ? -10.143 -3.363  1.124   1.00 36.45 ? 37  ASP A N   1 
ATOM   256 C  CA  . ASP A 1 37 ? -11.422 -3.441  1.811   1.00 31.92 ? 37  ASP A CA  1 
ATOM   257 C  C   . ASP A 1 37 ? -11.420 -4.289  3.079   1.00 33.15 ? 37  ASP A C   1 
ATOM   258 O  O   . ASP A 1 37 ? -12.467 -4.793  3.457   1.00 38.50 ? 37  ASP A O   1 
ATOM   259 C  CB  . ASP A 1 37 ? -12.491 -3.954  0.849   1.00 30.78 ? 37  ASP A CB  1 
ATOM   260 C  CG  . ASP A 1 37 ? -12.209 -5.384  0.351   1.00 33.13 ? 37  ASP A CG  1 
ATOM   261 O  OD1 . ASP A 1 37 ? -11.545 -6.174  1.057   1.00 29.48 ? 37  ASP A OD1 1 
ATOM   262 O  OD2 . ASP A 1 37 ? -12.689 -5.717  -0.763  1.00 38.86 ? 37  ASP A OD2 1 
ATOM   263 N  N   . ASN A 1 38 ? -10.279 -4.474  3.730   1.00 26.36 ? 38  ASN A N   1 
ATOM   264 C  CA  . ASN A 1 38 ? -10.304 -5.252  4.973   1.00 34.25 ? 38  ASN A CA  1 
ATOM   265 C  C   . ASN A 1 38 ? -9.034  -4.920  5.725   1.00 33.30 ? 38  ASN A C   1 
ATOM   266 O  O   . ASN A 1 38 ? -8.014  -4.613  5.113   1.00 31.09 ? 38  ASN A O   1 
ATOM   267 C  CB  . ASN A 1 38 ? -10.432 -6.797  4.667   1.00 34.56 ? 38  ASN A CB  1 
ATOM   268 C  CG  . ASN A 1 38 ? -9.229  -7.342  3.938   1.00 24.48 ? 38  ASN A CG  1 
ATOM   269 O  OD1 . ASN A 1 38 ? -8.208  -7.592  4.544   1.00 30.07 ? 38  ASN A OD1 1 
ATOM   270 N  ND2 . ASN A 1 38 ? -9.329  -7.483  2.624   1.00 27.71 ? 38  ASN A ND2 1 
ATOM   271 N  N   . ASP A 1 39 ? -9.110  -4.986  7.054   1.00 36.54 ? 39  ASP A N   1 
ATOM   272 C  CA  . ASP A 1 39 ? -8.008  -4.653  7.957   1.00 33.90 ? 39  ASP A CA  1 
ATOM   273 C  C   . ASP A 1 39 ? -6.805  -5.526  7.844   1.00 32.67 ? 39  ASP A C   1 
ATOM   274 O  O   . ASP A 1 39 ? -5.676  -5.115  8.129   1.00 29.31 ? 39  ASP A O   1 
ATOM   275 C  CB  . ASP A 1 39 ? -8.484  -4.723  9.407   1.00 41.47 ? 39  ASP A CB  1 
ATOM   276 C  CG  . ASP A 1 39 ? -8.899  -3.404  9.936   1.00 51.17 ? 39  ASP A CG  1 
ATOM   277 O  OD1 . ASP A 1 39 ? -10.083 -3.018  9.736   1.00 51.37 ? 39  ASP A OD1 1 
ATOM   278 O  OD2 . ASP A 1 39 ? -8.007  -2.756  10.558  1.00 61.43 ? 39  ASP A OD2 1 
ATOM   279 N  N   . ILE A 1 40 ? -7.070  -6.776  7.493   1.00 34.56 ? 40  ILE A N   1 
ATOM   280 C  CA  . ILE A 1 40 ? -6.028  -7.753  7.339   1.00 32.62 ? 40  ILE A CA  1 
ATOM   281 C  C   . ILE A 1 40 ? -5.076  -7.314  6.227   1.00 24.82 ? 40  ILE A C   1 
ATOM   282 O  O   . ILE A 1 40 ? -3.862  -7.397  6.362   1.00 23.95 ? 40  ILE A O   1 
ATOM   283 C  CB  . ILE A 1 40 ? -6.643  -9.141  6.985   1.00 42.11 ? 40  ILE A CB  1 
ATOM   284 C  CG1 . ILE A 1 40 ? -7.527  -9.633  8.152   1.00 38.13 ? 40  ILE A CG1 1 
ATOM   285 C  CG2 . ILE A 1 40 ? -5.514  -10.149 6.708   1.00 31.48 ? 40  ILE A CG2 1 
ATOM   286 C  CD1 . ILE A 1 40 ? -6.708  -10.102 9.350   1.00 46.56 ? 40  ILE A CD1 1 
ATOM   287 N  N   . SER A 1 41 ? -5.632  -6.839  5.133   1.00 29.85 ? 41  SER A N   1 
ATOM   288 C  CA  . SER A 1 41 ? -4.790  -6.392  4.020   1.00 30.75 ? 41  SER A CA  1 
ATOM   289 C  C   . SER A 1 41 ? -3.948  -5.197  4.448   1.00 25.09 ? 41  SER A C   1 
ATOM   290 O  O   . SER A 1 41 ? -2.730  -5.123  4.139   1.00 25.00 ? 41  SER A O   1 
ATOM   291 C  CB  . SER A 1 41 ? -5.656  -6.013  2.812   1.00 33.96 ? 41  SER A CB  1 
ATOM   292 O  OG  . SER A 1 41 ? -6.285  -7.167  2.279   1.00 48.93 ? 41  SER A OG  1 
ATOM   293 N  N   . ARG A 1 42 ? -4.586  -4.280  5.191   1.00 27.60 ? 42  ARG A N   1 
ATOM   294 C  CA  . ARG A 1 42 ? -3.906  -3.072  5.664   1.00 22.37 ? 42  ARG A CA  1 
ATOM   295 C  C   . ARG A 1 42 ? -2.701  -3.496  6.501   1.00 26.12 ? 42  ARG A C   1 
ATOM   296 O  O   . ARG A 1 42 ? -1.554  -3.018  6.316   1.00 20.22 ? 42  ARG A O   1 
ATOM   297 C  CB  . ARG A 1 42 ? -4.914  -2.217  6.460   1.00 26.15 ? 42  ARG A CB  1 
ATOM   298 C  CG  . ARG A 1 42 ? -4.366  -0.866  6.930   1.00 23.93 ? 42  ARG A CG  1 
ATOM   299 C  CD  . ARG A 1 42 ? -3.696  -0.990  8.322   1.00 28.12 ? 42  ARG A CD  1 
ATOM   300 N  NE  . ARG A 1 42 ? -4.706  -1.536  9.218   1.00 31.82 ? 42  ARG A NE  1 
ATOM   301 C  CZ  . ARG A 1 42 ? -4.508  -1.937  10.469  1.00 35.99 ? 42  ARG A CZ  1 
ATOM   302 N  NH1 . ARG A 1 42 ? -5.537  -2.427  11.152  1.00 35.39 ? 42  ARG A NH1 1 
ATOM   303 N  NH2 . ARG A 1 42 ? -3.315  -1.838  11.032  1.00 32.73 ? 42  ARG A NH2 1 
ATOM   304 N  N   . GLN A 1 43 ? -2.937  -4.446  7.407   1.00 27.33 ? 43  GLN A N   1 
ATOM   305 C  CA  . GLN A 1 43 ? -1.854  -4.947  8.239   1.00 30.44 ? 43  GLN A CA  1 
ATOM   306 C  C   . GLN A 1 43 ? -0.741  -5.544  7.411   1.00 23.97 ? 43  GLN A C   1 
ATOM   307 O  O   . GLN A 1 43 ? 0.455   -5.337  7.674   1.00 29.36 ? 43  GLN A O   1 
ATOM   308 C  CB  . GLN A 1 43 ? -2.371  -6.050  9.185   1.00 39.66 ? 43  GLN A CB  1 
ATOM   309 C  CG  . GLN A 1 43 ? -3.507  -5.634  10.092  1.00 48.09 ? 43  GLN A CG  1 
ATOM   310 C  CD  . GLN A 1 43 ? -4.085  -6.822  10.830  1.00 45.21 ? 43  GLN A CD  1 
ATOM   311 O  OE1 . GLN A 1 43 ? -3.349  -7.642  11.348  1.00 44.37 ? 43  GLN A OE1 1 
ATOM   312 N  NE2 . GLN A 1 43 ? -5.404  -6.914  10.876  1.00 50.96 ? 43  GLN A NE2 1 
ATOM   313 N  N   . ASN A 1 44 ? -1.125  -6.338  6.426   1.00 27.33 ? 44  ASN A N   1 
ATOM   314 C  CA  . ASN A 1 44 ? -0.117  -6.959  5.576   1.00 30.26 ? 44  ASN A CA  1 
ATOM   315 C  C   . ASN A 1 44 ? 0.684   -5.891  4.828   1.00 19.52 ? 44  ASN A C   1 
ATOM   316 O  O   . ASN A 1 44 ? 1.910   -5.967  4.732   1.00 22.12 ? 44  ASN A O   1 
ATOM   317 C  CB  . ASN A 1 44 ? -0.785  -7.956  4.605   1.00 26.30 ? 44  ASN A CB  1 
ATOM   318 C  CG  . ASN A 1 44 ? -1.249  -9.187  5.330   1.00 37.79 ? 44  ASN A CG  1 
ATOM   319 O  OD1 . ASN A 1 44 ? -0.760  -9.464  6.430   1.00 33.25 ? 44  ASN A OD1 1 
ATOM   320 N  ND2 . ASN A 1 44 ? -2.183  -9.939  4.737   1.00 37.80 ? 44  ASN A ND2 1 
ATOM   321 N  N   . LEU A 1 45 ? -0.026  -4.891  4.327   1.00 21.94 ? 45  LEU A N   1 
ATOM   322 C  CA  . LEU A 1 45 ? 0.645   -3.779  3.634   1.00 24.54 ? 45  LEU A CA  1 
ATOM   323 C  C   . LEU A 1 45 ? 1.609   -3.042  4.560   1.00 24.87 ? 45  LEU A C   1 
ATOM   324 O  O   . LEU A 1 45 ? 2.711   -2.709  4.121   1.00 21.69 ? 45  LEU A O   1 
ATOM   325 C  CB  . LEU A 1 45 ? -0.406  -2.819  3.037   1.00 17.39 ? 45  LEU A CB  1 
ATOM   326 C  CG  . LEU A 1 45 ? -1.114  -3.318  1.766   1.00 18.02 ? 45  LEU A CG  1 
ATOM   327 C  CD1 . LEU A 1 45 ? -2.407  -2.479  1.556   1.00 16.73 ? 45  LEU A CD1 1 
ATOM   328 C  CD2 . LEU A 1 45 ? -0.170  -3.210  0.556   1.00 25.34 ? 45  LEU A CD2 1 
ATOM   329 N  N   . GLN A 1 46 ? 1.232   -2.791  5.834   1.00 29.41 ? 46  GLN A N   1 
ATOM   330 C  CA  . GLN A 1 46 ? 2.160   -2.094  6.746   1.00 24.55 ? 46  GLN A CA  1 
ATOM   331 C  C   . GLN A 1 46 ? 3.372   -2.931  7.154   1.00 21.50 ? 46  GLN A C   1 
ATOM   332 O  O   . GLN A 1 46 ? 4.506   -2.427  7.269   1.00 24.58 ? 46  GLN A O   1 
ATOM   333 C  CB  . GLN A 1 46 ? 1.441   -1.582  8.005   1.00 29.03 ? 46  GLN A CB  1 
ATOM   334 C  CG  . GLN A 1 46 ? 0.441   -0.485  7.689   1.00 27.88 ? 46  GLN A CG  1 
ATOM   335 C  CD  . GLN A 1 46 ? 0.110   0.395   8.867   1.00 32.67 ? 46  GLN A CD  1 
ATOM   336 O  OE1 . GLN A 1 46 ? -0.414  -0.063  9.890   1.00 29.26 ? 46  GLN A OE1 1 
ATOM   337 N  NE2 . GLN A 1 46 ? 0.399   1.691   8.713   1.00 21.29 ? 46  GLN A NE2 1 
ATOM   338 N  N   . LYS A 1 47 ? 3.157   -4.220  7.352   1.00 28.12 ? 47  LYS A N   1 
ATOM   339 C  CA  . LYS A 1 47 ? 4.289   -5.118  7.716   1.00 30.82 ? 47  LYS A CA  1 
ATOM   340 C  C   . LYS A 1 47 ? 5.297   -5.161  6.560   1.00 28.94 ? 47  LYS A C   1 
ATOM   341 O  O   . LYS A 1 47 ? 6.529   -5.163  6.772   1.00 26.65 ? 47  LYS A O   1 
ATOM   342 C  CB  . LYS A 1 47 ? 3.776   -6.538  8.015   1.00 33.32 ? 47  LYS A CB  1 
ATOM   343 C  CG  . LYS A 1 47 ? 2.660   -6.579  9.128   1.00 35.40 ? 47  LYS A CG  1 
ATOM   344 C  CD  . LYS A 1 47 ? 2.899   -7.720  10.108  1.00 42.55 ? 47  LYS A CD  1 
ATOM   345 C  CE  . LYS A 1 47 ? 1.798   -7.890  11.154  1.00 51.35 ? 47  LYS A CE  1 
ATOM   346 N  NZ  . LYS A 1 47 ? 0.487   -8.314  10.555  1.00 52.36 ? 47  LYS A NZ  1 
HETATM 347 N  N   . MSE A 1 48 ? 4.783   -5.172  5.327   1.00 30.48 ? 48  MSE A N   1 
HETATM 348 C  CA  . MSE A 1 48 ? 5.660   -5.176  4.142   1.00 24.89 ? 48  MSE A CA  1 
HETATM 349 C  C   . MSE A 1 48 ? 6.374   -3.860  4.068   1.00 28.66 ? 48  MSE A C   1 
HETATM 350 O  O   . MSE A 1 48 ? 7.574   -3.809  3.756   1.00 26.34 ? 48  MSE A O   1 
HETATM 351 C  CB  . MSE A 1 48 ? 4.830   -5.423  2.862   1.00 31.13 ? 48  MSE A CB  1 
HETATM 352 C  CG  . MSE A 1 48 ? 5.636   -5.352  1.563   1.00 38.04 ? 48  MSE A CG  1 
HETATM 353 SE SE  . MSE A 1 48 ? 5.815   -3.519  0.765   1.00 39.79 ? 48  MSE A SE  1 
HETATM 354 C  CE  . MSE A 1 48 ? 3.980   -3.368  0.206   1.00 15.10 ? 48  MSE A CE  1 
ATOM   355 N  N   . ALA A 1 49 ? 5.662   -2.764  4.372   1.00 27.95 ? 49  ALA A N   1 
ATOM   356 C  CA  . ALA A 1 49 ? 6.319   -1.445  4.306   1.00 30.36 ? 49  ALA A CA  1 
ATOM   357 C  C   . ALA A 1 49 ? 7.440   -1.354  5.379   1.00 30.79 ? 49  ALA A C   1 
ATOM   358 O  O   . ALA A 1 49 ? 8.557   -0.889  5.103   1.00 27.82 ? 49  ALA A O   1 
ATOM   359 C  CB  . ALA A 1 49 ? 5.276   -0.310  4.530   1.00 24.04 ? 49  ALA A CB  1 
ATOM   360 N  N   . GLU A 1 50 ? 7.129   -1.761  6.610   1.00 34.13 ? 50  GLU A N   1 
ATOM   361 C  CA  . GLU A 1 50 ? 8.151   -1.692  7.654   1.00 38.19 ? 50  GLU A CA  1 
ATOM   362 C  C   . GLU A 1 50 ? 9.275   -2.608  7.199   1.00 38.64 ? 50  GLU A C   1 
ATOM   363 O  O   . GLU A 1 50 ? 10.439  -2.200  7.195   1.00 42.30 ? 50  GLU A O   1 
ATOM   364 C  CB  . GLU A 1 50 ? 7.601   -2.107  9.034   1.00 35.58 ? 50  GLU A CB  1 
ATOM   365 C  CG  . GLU A 1 50 ? 7.286   -3.576  9.212   1.00 54.79 ? 50  GLU A CG  1 
ATOM   366 C  CD  . GLU A 1 50 ? 7.105   -3.969  10.682  1.00 66.64 ? 50  GLU A CD  1 
ATOM   367 O  OE1 . GLU A 1 50 ? 8.088   -3.846  11.453  1.00 72.34 ? 50  GLU A OE1 1 
ATOM   368 O  OE2 . GLU A 1 50 ? 5.991   -4.402  11.068  1.00 65.52 ? 50  GLU A OE2 1 
ATOM   369 N  N   . GLY A 1 51 ? 8.927   -3.839  6.803   1.00 41.84 ? 51  GLY A N   1 
ATOM   370 C  CA  . GLY A 1 51 ? 9.934   -4.753  6.291   1.00 34.90 ? 51  GLY A CA  1 
ATOM   371 C  C   . GLY A 1 51 ? 10.887  -4.043  5.334   1.00 34.75 ? 51  GLY A C   1 
ATOM   372 O  O   . GLY A 1 51 ? 12.105  -4.128  5.506   1.00 42.90 ? 51  GLY A O   1 
HETATM 373 N  N   . MSE A 1 52 ? 10.367  -3.313  4.348   1.00 34.05 ? 52  MSE A N   1 
HETATM 374 C  CA  . MSE A 1 52 ? 11.228  -2.592  3.408   1.00 33.02 ? 52  MSE A CA  1 
HETATM 375 C  C   . MSE A 1 52 ? 11.844  -1.295  3.952   1.00 37.10 ? 52  MSE A C   1 
HETATM 376 O  O   . MSE A 1 52 ? 12.657  -0.661  3.279   1.00 39.41 ? 52  MSE A O   1 
HETATM 377 C  CB  . MSE A 1 52 ? 10.475  -2.244  2.120   1.00 40.02 ? 52  MSE A CB  1 
HETATM 378 C  CG  . MSE A 1 52 ? 9.923   -3.417  1.312   1.00 58.17 ? 52  MSE A CG  1 
HETATM 379 SE SE  . MSE A 1 52 ? 9.081   -2.789  -0.365  1.00 81.72 ? 52  MSE A SE  1 
HETATM 380 C  CE  . MSE A 1 52 ? 10.678  -2.501  -1.463  1.00 70.97 ? 52  MSE A CE  1 
ATOM   381 N  N   . GLY A 1 53 ? 11.480  -0.880  5.156   1.00 39.42 ? 53  GLY A N   1 
ATOM   382 C  CA  . GLY A 1 53 ? 12.059  0.348   5.666   1.00 44.01 ? 53  GLY A CA  1 
ATOM   383 C  C   . GLY A 1 53 ? 11.385  1.597   5.098   1.00 43.55 ? 53  GLY A C   1 
ATOM   384 O  O   . GLY A 1 53 ? 12.023  2.632   4.893   1.00 34.24 ? 53  GLY A O   1 
ATOM   385 N  N   . TYR A 1 54 ? 10.080  1.497   4.873   1.00 37.67 ? 54  TYR A N   1 
ATOM   386 C  CA  . TYR A 1 54 ? 9.344   2.611   4.331   1.00 41.61 ? 54  TYR A CA  1 
ATOM   387 C  C   . TYR A 1 54 ? 8.377   3.086   5.378   1.00 39.45 ? 54  TYR A C   1 
ATOM   388 O  O   . TYR A 1 54 ? 7.923   2.290   6.198   1.00 37.49 ? 54  TYR A O   1 
ATOM   389 C  CB  . TYR A 1 54 ? 8.556   2.176   3.072   1.00 34.96 ? 54  TYR A CB  1 
ATOM   390 C  CG  . TYR A 1 54 ? 9.444   1.841   1.890   1.00 38.50 ? 54  TYR A CG  1 
ATOM   391 C  CD1 . TYR A 1 54 ? 10.586  2.589   1.621   1.00 45.76 ? 54  TYR A CD1 1 
ATOM   392 C  CD2 . TYR A 1 54 ? 9.145   0.791   1.055   1.00 41.39 ? 54  TYR A CD2 1 
ATOM   393 C  CE1 . TYR A 1 54 ? 11.403  2.296   0.536   1.00 50.90 ? 54  TYR A CE1 1 
ATOM   394 C  CE2 . TYR A 1 54 ? 9.960   0.490   -0.045  1.00 52.23 ? 54  TYR A CE2 1 
ATOM   395 C  CZ  . TYR A 1 54 ? 11.079  1.241   -0.289  1.00 49.76 ? 54  TYR A CZ  1 
ATOM   396 O  OH  . TYR A 1 54 ? 11.857  0.956   -1.382  1.00 62.08 ? 54  TYR A OH  1 
ATOM   397 N  N   . GLN A 1 55 ? 8.072   4.378   5.341   1.00 34.65 ? 55  GLN A N   1 
ATOM   398 C  CA  . GLN A 1 55 ? 7.077   4.943   6.237   1.00 36.98 ? 55  GLN A CA  1 
ATOM   399 C  C   . GLN A 1 55 ? 5.698   4.672   5.574   1.00 31.54 ? 55  GLN A C   1 
ATOM   400 O  O   . GLN A 1 55 ? 5.578   4.600   4.346   1.00 27.32 ? 55  GLN A O   1 
ATOM   401 C  CB  . GLN A 1 55 ? 7.299   6.468   6.405   1.00 36.05 ? 55  GLN A CB  1 
ATOM   402 C  CG  . GLN A 1 55 ? 8.655   6.864   7.073   1.00 47.18 ? 55  GLN A CG  1 
ATOM   403 C  CD  . GLN A 1 55 ? 8.786   6.333   8.506   1.00 54.66 ? 55  GLN A CD  1 
ATOM   404 O  OE1 . GLN A 1 55 ? 8.110   6.813   9.424   1.00 52.71 ? 55  GLN A OE1 1 
ATOM   405 N  NE2 . GLN A 1 55 ? 9.648   5.330   8.694   1.00 54.94 ? 55  GLN A NE2 1 
ATOM   406 N  N   . SER A 1 56 ? 4.664   4.525   6.395   1.00 29.33 ? 56  SER A N   1 
ATOM   407 C  CA  . SER A 1 56 ? 3.305   4.305   5.897   1.00 28.64 ? 56  SER A CA  1 
ATOM   408 C  C   . SER A 1 56 ? 2.242   4.807   6.878   1.00 26.00 ? 56  SER A C   1 
ATOM   409 O  O   . SER A 1 56 ? 2.509   4.986   8.057   1.00 23.14 ? 56  SER A O   1 
ATOM   410 C  CB  . SER A 1 56 ? 3.063   2.813   5.653   1.00 30.93 ? 56  SER A CB  1 
ATOM   411 O  OG  . SER A 1 56 ? 2.707   2.188   6.866   1.00 29.91 ? 56  SER A OG  1 
ATOM   412 N  N   . GLU A 1 57 ? 1.027   5.039   6.392   1.00 18.03 ? 57  GLU A N   1 
ATOM   413 C  CA  . GLU A 1 57 ? -0.062  5.446   7.248   1.00 21.08 ? 57  GLU A CA  1 
ATOM   414 C  C   . GLU A 1 57 ? -1.241  4.819   6.592   1.00 28.50 ? 57  GLU A C   1 
ATOM   415 O  O   . GLU A 1 57 ? -1.144  4.369   5.411   1.00 26.21 ? 57  GLU A O   1 
ATOM   416 C  CB  . GLU A 1 57 ? -0.354  6.966   7.210   1.00 19.25 ? 57  GLU A CB  1 
ATOM   417 C  CG  . GLU A 1 57 ? 0.542   7.889   7.963   1.00 23.75 ? 57  GLU A CG  1 
ATOM   418 C  CD  . GLU A 1 57 ? 0.530   7.652   9.468   1.00 26.75 ? 57  GLU A CD  1 
ATOM   419 O  OE1 . GLU A 1 57 ? -0.513  7.251   10.015  1.00 34.42 ? 57  GLU A OE1 1 
ATOM   420 O  OE2 . GLU A 1 57 ? 1.593   7.866   10.095  1.00 33.98 ? 57  GLU A OE2 1 
ATOM   421 N  N   . TYR A 1 58 ? -2.378  4.834   7.300   1.00 26.19 ? 58  TYR A N   1 
ATOM   422 C  CA  . TYR A 1 58 ? -3.625  4.326   6.701   1.00 26.82 ? 58  TYR A CA  1 
ATOM   423 C  C   . TYR A 1 58 ? -4.782  5.116   7.252   1.00 21.25 ? 58  TYR A C   1 
ATOM   424 O  O   . TYR A 1 58 ? -4.747  5.582   8.412   1.00 33.22 ? 58  TYR A O   1 
ATOM   425 C  CB  . TYR A 1 58 ? -3.860  2.818   6.977   1.00 21.61 ? 58  TYR A CB  1 
ATOM   426 C  CG  . TYR A 1 58 ? -4.173  2.488   8.440   1.00 19.24 ? 58  TYR A CG  1 
ATOM   427 C  CD1 . TYR A 1 58 ? -3.153  2.403   9.361   1.00 19.36 ? 58  TYR A CD1 1 
ATOM   428 C  CD2 . TYR A 1 58 ? -5.473  2.229   8.867   1.00 23.06 ? 58  TYR A CD2 1 
ATOM   429 C  CE1 . TYR A 1 58 ? -3.387  2.063   10.700  1.00 26.47 ? 58  TYR A CE1 1 
ATOM   430 C  CE2 . TYR A 1 58 ? -5.745  1.860   10.241  1.00 33.13 ? 58  TYR A CE2 1 
ATOM   431 C  CZ  . TYR A 1 58 ? -4.665  1.782   11.137  1.00 30.22 ? 58  TYR A CZ  1 
ATOM   432 O  OH  . TYR A 1 58 ? -4.799  1.338   12.453  1.00 35.46 ? 58  TYR A OH  1 
ATOM   433 N  N   . LEU A 1 59 ? -5.820  5.219   6.450   1.00 26.32 ? 59  LEU A N   1 
ATOM   434 C  CA  . LEU A 1 59 ? -7.005  5.958   6.808   1.00 35.78 ? 59  LEU A CA  1 
ATOM   435 C  C   . LEU A 1 59 ? -8.220  5.169   6.337   1.00 39.32 ? 59  LEU A C   1 
ATOM   436 O  O   . LEU A 1 59 ? -8.276  4.695   5.187   1.00 28.94 ? 59  LEU A O   1 
ATOM   437 C  CB  . LEU A 1 59 ? -6.973  7.370   6.161   1.00 36.69 ? 59  LEU A CB  1 
ATOM   438 C  CG  . LEU A 1 59 ? -8.130  8.384   6.381   1.00 48.44 ? 59  LEU A CG  1 
ATOM   439 C  CD1 . LEU A 1 59 ? -8.015  9.042   7.784   1.00 53.38 ? 59  LEU A CD1 1 
ATOM   440 C  CD2 . LEU A 1 59 ? -8.070  9.505   5.313   1.00 47.12 ? 59  LEU A CD2 1 
ATOM   441 N  N   . GLU A 1 60 ? -9.185  5.014   7.248   1.00 35.65 ? 60  GLU A N   1 
ATOM   442 C  CA  . GLU A 1 60 ? -10.418 4.273   6.974   1.00 41.93 ? 60  GLU A CA  1 
ATOM   443 C  C   . GLU A 1 60 ? -11.449 5.244   6.453   1.00 45.95 ? 60  GLU A C   1 
ATOM   444 O  O   . GLU A 1 60 ? -11.982 6.033   7.218   1.00 49.80 ? 60  GLU A O   1 
ATOM   445 C  CB  . GLU A 1 60 ? -10.910 3.572   8.262   1.00 47.28 ? 60  GLU A CB  1 
ATOM   446 C  CG  . GLU A 1 60 ? -10.102 2.280   8.602   1.00 52.20 ? 60  GLU A CG  1 
ATOM   447 C  CD  . GLU A 1 60 ? -10.120 1.878   10.096  1.00 59.86 ? 60  GLU A CD  1 
ATOM   448 O  OE1 . GLU A 1 60 ? -10.806 2.557   10.905  1.00 56.87 ? 60  GLU A OE1 1 
ATOM   449 O  OE2 . GLU A 1 60 ? -9.442  0.877   10.453  1.00 51.24 ? 60  GLU A OE2 1 
ATOM   450 N  N   . LYS A 1 61 ? -11.729 5.171   5.150   1.00 44.73 ? 61  LYS A N   1 
ATOM   451 C  CA  . LYS A 1 61 ? -12.662 6.073   4.492   1.00 50.70 ? 61  LYS A CA  1 
ATOM   452 C  C   . LYS A 1 61 ? -14.106 5.575   4.482   1.00 56.87 ? 61  LYS A C   1 
ATOM   453 O  O   . LYS A 1 61 ? -14.470 4.617   5.188   1.00 58.18 ? 61  LYS A O   1 
ATOM   454 C  CB  . LYS A 1 61 ? -12.217 6.332   3.044   1.00 47.32 ? 61  LYS A CB  1 
ATOM   455 C  CG  . LYS A 1 61 ? -10.759 6.776   2.879   1.00 51.43 ? 61  LYS A CG  1 
ATOM   456 C  CD  . LYS A 1 61 ? -10.290 6.575   1.438   1.00 54.94 ? 61  LYS A CD  1 
ATOM   457 C  CE  . LYS A 1 61 ? -9.906  7.878   0.785   1.00 54.01 ? 61  LYS A CE  1 
ATOM   458 N  NZ  . LYS A 1 61 ? -8.776  8.518   1.539   1.00 62.26 ? 61  LYS A NZ  1 
ATOM   459 N  N   . ASP A 1 62 ? -14.928 6.242   3.675   1.00 59.85 ? 62  ASP A N   1 
ATOM   460 C  CA  . ASP A 1 62 ? -16.333 5.885   3.565   1.00 61.98 ? 62  ASP A CA  1 
ATOM   461 C  C   . ASP A 1 62 ? -16.584 4.645   2.717   1.00 62.56 ? 62  ASP A C   1 
ATOM   462 O  O   . ASP A 1 62 ? -15.881 4.369   1.726   1.00 60.39 ? 62  ASP A O   1 
ATOM   463 C  CB  . ASP A 1 62 ? -17.141 7.061   3.016   1.00 63.31 ? 62  ASP A CB  1 
ATOM   464 C  CG  . ASP A 1 62 ? -17.584 8.025   4.116   1.00 66.51 ? 62  ASP A CG  1 
ATOM   465 O  OD1 . ASP A 1 62 ? -18.108 9.115   3.779   1.00 60.55 ? 62  ASP A OD1 1 
ATOM   466 O  OD2 . ASP A 1 62 ? -17.406 7.681   5.318   1.00 63.50 ? 62  ASP A OD2 1 
ATOM   467 N  N   . ASN A 1 63 ? -17.591 3.895   3.150   1.00 62.29 ? 63  ASN A N   1 
ATOM   468 C  CA  . ASN A 1 63 ? -18.027 2.668   2.499   1.00 57.49 ? 63  ASN A CA  1 
ATOM   469 C  C   . ASN A 1 63 ? -17.017 1.554   2.686   1.00 46.96 ? 63  ASN A C   1 
ATOM   470 O  O   . ASN A 1 63 ? -16.871 0.706   1.825   1.00 49.80 ? 63  ASN A O   1 
ATOM   471 C  CB  . ASN A 1 63 ? -18.301 2.933   1.009   1.00 60.99 ? 63  ASN A CB  1 
ATOM   472 C  CG  . ASN A 1 63 ? -19.001 1.758   0.309   1.00 72.14 ? 63  ASN A CG  1 
ATOM   473 O  OD1 . ASN A 1 63 ? -19.854 1.061   0.896   1.00 56.91 ? 63  ASN A OD1 1 
ATOM   474 N  ND2 . ASN A 1 63 ? -18.654 1.549   -0.967  1.00 76.26 ? 63  ASN A ND2 1 
ATOM   475 N  N   . GLY A 1 64 ? -16.336 1.566   3.831   1.00 46.70 ? 64  GLY A N   1 
ATOM   476 C  CA  . GLY A 1 64 ? -15.342 0.547   4.140   1.00 40.94 ? 64  GLY A CA  1 
ATOM   477 C  C   . GLY A 1 64 ? -13.987 0.566   3.416   1.00 40.18 ? 64  GLY A C   1 
ATOM   478 O  O   . GLY A 1 64 ? -13.176 -0.351  3.623   1.00 41.30 ? 64  GLY A O   1 
ATOM   479 N  N   . VAL A 1 65 ? -13.726 1.556   2.564   1.00 33.99 ? 65  VAL A N   1 
ATOM   480 C  CA  . VAL A 1 65 ? -12.441 1.599   1.869   1.00 29.09 ? 65  VAL A CA  1 
ATOM   481 C  C   . VAL A 1 65 ? -11.308 2.012   2.800   1.00 29.38 ? 65  VAL A C   1 
ATOM   482 O  O   . VAL A 1 65 ? -11.396 3.047   3.507   1.00 37.23 ? 65  VAL A O   1 
ATOM   483 C  CB  . VAL A 1 65 ? -12.425 2.602   0.684   1.00 30.96 ? 65  VAL A CB  1 
ATOM   484 C  CG1 . VAL A 1 65 ? -10.988 2.726   0.097   1.00 27.15 ? 65  VAL A CG1 1 
ATOM   485 C  CG2 . VAL A 1 65 ? -13.382 2.126   -0.436  1.00 31.32 ? 65  VAL A CG2 1 
ATOM   486 N  N   . ILE A 1 66 ? -10.268 1.203   2.833   1.00 21.57 ? 66  ILE A N   1 
ATOM   487 C  CA  . ILE A 1 66 ? -9.100  1.555   3.596   1.00 20.20 ? 66  ILE A CA  1 
ATOM   488 C  C   . ILE A 1 66 ? -7.980  2.021   2.626   1.00 23.09 ? 66  ILE A C   1 
ATOM   489 O  O   . ILE A 1 66 ? -7.615  1.320   1.643   1.00 21.52 ? 66  ILE A O   1 
ATOM   490 C  CB  . ILE A 1 66 ? -8.638  0.395   4.451   1.00 23.25 ? 66  ILE A CB  1 
ATOM   491 C  CG1 . ILE A 1 66 ? -9.788  -0.030  5.400   1.00 33.74 ? 66  ILE A CG1 1 
ATOM   492 C  CG2 . ILE A 1 66 ? -7.432  0.810   5.221   1.00 24.27 ? 66  ILE A CG2 1 
ATOM   493 C  CD1 . ILE A 1 66 ? -9.604  -1.355  6.046   1.00 25.01 ? 66  ILE A CD1 1 
ATOM   494 N  N   . GLU A 1 67 ? -7.451  3.224   2.863   1.00 25.20 ? 67  GLU A N   1 
ATOM   495 C  CA  . GLU A 1 67 ? -6.367  3.692   2.018   1.00 19.06 ? 67  GLU A CA  1 
ATOM   496 C  C   . GLU A 1 67 ? -5.085  3.618   2.799   1.00 20.54 ? 67  GLU A C   1 
ATOM   497 O  O   . GLU A 1 67 ? -4.988  4.180   3.878   1.00 18.91 ? 67  GLU A O   1 
ATOM   498 C  CB  . GLU A 1 67 ? -6.638  5.113   1.528   1.00 33.50 ? 67  GLU A CB  1 
ATOM   499 C  CG  . GLU A 1 67 ? -5.606  5.558   0.526   1.00 37.37 ? 67  GLU A CG  1 
ATOM   500 C  CD  . GLU A 1 67 ? -6.042  6.737   -0.340  1.00 40.15 ? 67  GLU A CD  1 
ATOM   501 O  OE1 . GLU A 1 67 ? -7.243  7.041   -0.420  1.00 48.51 ? 67  GLU A OE1 1 
ATOM   502 O  OE2 . GLU A 1 67 ? -5.170  7.352   -0.973  1.00 46.52 ? 67  GLU A OE2 1 
ATOM   503 N  N   . VAL A 1 68 ? -4.107  2.867   2.278   1.00 17.04 ? 68  VAL A N   1 
ATOM   504 C  CA  . VAL A 1 68 ? -2.811  2.721   2.926   1.00 17.70 ? 68  VAL A CA  1 
ATOM   505 C  C   . VAL A 1 68 ? -1.819  3.467   2.022   1.00 21.60 ? 68  VAL A C   1 
ATOM   506 O  O   . VAL A 1 68 ? -1.666  3.160   0.827   1.00 22.70 ? 68  VAL A O   1 
ATOM   507 C  CB  . VAL A 1 68 ? -2.414  1.198   3.042   1.00 14.27 ? 68  VAL A CB  1 
ATOM   508 C  CG1 . VAL A 1 68 ? -1.123  1.009   3.799   1.00 17.34 ? 68  VAL A CG1 1 
ATOM   509 C  CG2 . VAL A 1 68 ? -3.552  0.431   3.740   1.00 20.49 ? 68  VAL A CG2 1 
ATOM   510 N  N   . THR A 1 69 ? -1.129  4.427   2.589   1.00 18.71 ? 69  THR A N   1 
ATOM   511 C  CA  . THR A 1 69 ? -0.168  5.213   1.820   1.00 25.22 ? 69  THR A CA  1 
ATOM   512 C  C   . THR A 1 69 ? 1.258   4.845   2.222   1.00 30.74 ? 69  THR A C   1 
ATOM   513 O  O   . THR A 1 69 ? 1.606   4.853   3.425   1.00 27.05 ? 69  THR A O   1 
ATOM   514 C  CB  . THR A 1 69 ? -0.467  6.697   2.037   1.00 18.94 ? 69  THR A CB  1 
ATOM   515 O  OG1 . THR A 1 69 ? -1.829  6.924   1.654   1.00 22.23 ? 69  THR A OG1 1 
ATOM   516 C  CG2 . THR A 1 69 ? 0.480   7.591   1.204   1.00 24.25 ? 69  THR A CG2 1 
ATOM   517 N  N   . ILE A 1 70 ? 2.081   4.478   1.232   1.00 23.64 ? 70  ILE A N   1 
ATOM   518 C  CA  . ILE A 1 70 ? 3.443   4.084   1.529   1.00 21.85 ? 70  ILE A CA  1 
ATOM   519 C  C   . ILE A 1 70 ? 4.388   5.019   0.841   1.00 23.38 ? 70  ILE A C   1 
ATOM   520 O  O   . ILE A 1 70 ? 4.286   5.248   -0.377  1.00 17.79 ? 70  ILE A O   1 
ATOM   521 C  CB  . ILE A 1 70 ? 3.739   2.600   1.072   1.00 18.97 ? 70  ILE A CB  1 
ATOM   522 C  CG1 . ILE A 1 70 ? 2.665   1.693   1.663   1.00 22.66 ? 70  ILE A CG1 1 
ATOM   523 C  CG2 . ILE A 1 70 ? 5.203   2.218   1.419   1.00 13.71 ? 70  ILE A CG2 1 
ATOM   524 C  CD1 . ILE A 1 70 ? 2.715   0.135   1.280   1.00 27.81 ? 70  ILE A CD1 1 
ATOM   525 N  N   . VAL A 1 71 ? 5.347   5.524   1.617   1.00 21.88 ? 71  VAL A N   1 
ATOM   526 C  CA  . VAL A 1 71 ? 6.312   6.479   1.110   1.00 24.44 ? 71  VAL A CA  1 
ATOM   527 C  C   . VAL A 1 71 ? 7.728   5.918   1.070   1.00 31.64 ? 71  VAL A C   1 
ATOM   528 O  O   . VAL A 1 71 ? 8.208   5.360   2.059   1.00 31.97 ? 71  VAL A O   1 
ATOM   529 C  CB  . VAL A 1 71 ? 6.342   7.790   1.982   1.00 26.04 ? 71  VAL A CB  1 
ATOM   530 C  CG1 . VAL A 1 71 ? 7.353   8.745   1.402   1.00 32.96 ? 71  VAL A CG1 1 
ATOM   531 C  CG2 . VAL A 1 71 ? 4.978   8.445   2.017   1.00 20.50 ? 71  VAL A CG2 1 
ATOM   532 N  N   . ALA A 1 72 ? 8.378   6.115   -0.080  1.00 32.04 ? 72  ALA A N   1 
ATOM   533 C  CA  . ALA A 1 72 ? 9.743   5.685   -0.339  1.00 32.04 ? 72  ALA A CA  1 
ATOM   534 C  C   . ALA A 1 72 ? 10.589  6.943   -0.392  1.00 31.44 ? 72  ALA A C   1 
ATOM   535 O  O   . ALA A 1 72 ? 11.764  6.940   0.048   1.00 52.59 ? 72  ALA A O   1 
ATOM   536 C  CB  . ALA A 1 72 ? 9.803   4.904   -1.685  1.00 42.13 ? 72  ALA A CB  1 
ATOM   537 N  N   . GLY A 1 73 ? 10.026  8.027   -0.898  1.00 28.93 ? 73  GLY A N   1 
ATOM   538 C  CA  . GLY A 1 73 ? 10.775  9.262   -0.901  1.00 44.11 ? 73  GLY A CA  1 
ATOM   539 C  C   . GLY A 1 73 ? 10.182  10.528  -1.511  1.00 44.23 ? 73  GLY A C   1 
ATOM   540 O  O   . GLY A 1 73 ? 10.816  11.589  -1.425  1.00 48.48 ? 73  GLY A O   1 
ATOM   541 N  N   . GLU A 1 74 ? 8.987   10.457  -2.098  1.00 43.96 ? 74  GLU A N   1 
ATOM   542 C  CA  . GLU A 1 74 ? 8.425   11.620  -2.782  1.00 43.25 ? 74  GLU A CA  1 
ATOM   543 C  C   . GLU A 1 74 ? 8.472   12.853  -1.881  1.00 51.23 ? 74  GLU A C   1 
ATOM   544 O  O   . GLU A 1 74 ? 9.559   13.357  -1.552  1.00 43.32 ? 74  GLU A O   1 
ATOM   545 C  CB  . GLU A 1 74 ? 6.989   11.345  -3.269  1.00 38.33 ? 74  GLU A CB  1 
ATOM   546 C  CG  . GLU A 1 74 ? 6.545   12.103  -4.571  1.00 45.99 ? 74  GLU A CG  1 
ATOM   547 C  CD  . GLU A 1 74 ? 5.330   11.431  -5.356  1.00 48.58 ? 74  GLU A CD  1 
ATOM   548 O  OE1 . GLU A 1 74 ? 5.437   10.299  -5.924  1.00 26.30 ? 74  GLU A OE1 1 
ATOM   549 O  OE2 . GLU A 1 74 ? 4.247   12.059  -5.400  1.00 51.80 ? 74  GLU A OE2 1 
HETATM 550 O  O   . HOH B 2 .  ? 12.320  5.378   -11.130 1.00 27.20 ? 88  HOH A O   1 
HETATM 551 O  O   . HOH B 2 .  ? -8.883  -4.316  -8.213  1.00 41.00 ? 89  HOH A O   1 
HETATM 552 O  O   . HOH B 2 .  ? -7.515  -7.740  0.300   1.00 30.17 ? 90  HOH A O   1 
HETATM 553 O  O   . HOH B 2 .  ? -1.019  -2.784  -9.636  1.00 32.68 ? 91  HOH A O   1 
HETATM 554 O  O   . HOH B 2 .  ? 3.305   -8.788  4.445   1.00 34.89 ? 92  HOH A O   1 
HETATM 555 O  O   . HOH B 2 .  ? 8.910   16.938  -4.495  1.00 44.38 ? 93  HOH A O   1 
HETATM 556 O  O   . HOH B 2 .  ? 5.303   13.292  -1.929  1.00 32.43 ? 94  HOH A O   1 
HETATM 557 O  O   . HOH B 2 .  ? -8.409  -11.735 -5.745  1.00 42.17 ? 95  HOH A O   1 
HETATM 558 O  O   . HOH B 2 .  ? 5.814   4.004   9.004   1.00 30.34 ? 96  HOH A O   1 
HETATM 559 O  O   . HOH B 2 .  ? 4.665   0.584   7.991   1.00 26.69 ? 97  HOH A O   1 
HETATM 560 O  O   . HOH B 2 .  ? -2.199  8.559   -7.810  1.00 24.35 ? 98  HOH A O   1 
HETATM 561 O  O   . HOH B 2 .  ? -3.720  6.621   3.723   1.00 19.18 ? 99  HOH A O   1 
HETATM 562 O  O   . HOH B 2 .  ? -8.840  -5.208  -0.888  1.00 29.16 ? 100 HOH A O   1 
HETATM 563 O  O   . HOH B 2 .  ? -7.343  -1.314  9.065   1.00 30.34 ? 102 HOH A O   1 
HETATM 564 O  O   . HOH B 2 .  ? 1.931   -2.819  -9.195  1.00 23.69 ? 103 HOH A O   1 
HETATM 565 O  O   . HOH B 2 .  ? -8.512  -11.079 1.449   1.00 34.70 ? 104 HOH A O   1 
HETATM 566 O  O   . HOH B 2 .  ? 15.638  1.891   -6.557  1.00 46.88 ? 105 HOH A O   1 
HETATM 567 O  O   . HOH B 2 .  ? -4.771  8.677   -3.900  1.00 30.03 ? 106 HOH A O   1 
HETATM 568 O  O   . HOH B 2 .  ? 7.855   16.831  -7.362  1.00 39.94 ? 107 HOH A O   1 
HETATM 569 O  O   . HOH B 2 .  ? -22.365 0.259   1.574   1.00 70.72 ? 108 HOH A O   1 
HETATM 570 O  O   . HOH B 2 .  ? 6.283   -9.198  -0.490  1.00 55.78 ? 109 HOH A O   1 
HETATM 571 O  O   . HOH B 2 .  ? 6.620   2.190   -9.928  1.00 29.18 ? 110 HOH A O   1 
HETATM 572 O  O   . HOH B 2 .  ? 7.135   1.138   8.242   1.00 40.53 ? 111 HOH A O   1 
HETATM 573 O  O   . HOH B 2 .  ? -13.033 0.287   -7.475  1.00 40.62 ? 112 HOH A O   1 
HETATM 574 O  O   . HOH B 2 .  ? -2.847  8.815   -0.188  1.00 20.74 ? 113 HOH A O   1 
HETATM 575 O  O   . HOH B 2 .  ? 9.751   5.775   4.101   1.00 44.40 ? 114 HOH A O   1 
HETATM 576 O  O   . HOH B 2 .  ? -4.711  10.466  1.309   1.00 37.35 ? 115 HOH A O   1 
HETATM 577 O  O   . HOH B 2 .  ? 2.600   -0.845  -11.085 1.00 35.76 ? 116 HOH A O   1 
HETATM 578 O  O   . HOH B 2 .  ? 6.915   4.520   -10.926 1.00 43.41 ? 117 HOH A O   1 
HETATM 579 O  O   . HOH B 2 .  ? 11.567  -4.624  -4.411  1.00 44.88 ? 118 HOH A O   1 
HETATM 580 O  O   . HOH B 2 .  ? 16.366  -0.231  -6.763  1.00 45.80 ? 119 HOH A O   1 
HETATM 581 O  O   . HOH B 2 .  ? -11.238 -8.388  -0.935  1.00 37.97 ? 120 HOH A O   1 
HETATM 582 O  O   . HOH B 2 .  ? -5.389  8.533   3.155   1.00 35.56 ? 121 HOH A O   1 
HETATM 583 O  O   . HOH B 2 .  ? -8.260  5.475   9.982   1.00 32.51 ? 122 HOH A O   1 
HETATM 584 O  O   . HOH B 2 .  ? 10.307  8.708   3.891   1.00 40.08 ? 123 HOH A O   1 
HETATM 585 O  O   . HOH B 2 .  ? 7.444   7.174   12.729  1.00 45.36 ? 124 HOH A O   1 
HETATM 586 O  O   . HOH B 2 .  ? 3.381   17.379  -6.436  1.00 35.32 ? 125 HOH A O   1 
HETATM 587 O  O   . HOH B 2 .  ? 2.621   12.805  -2.548  1.00 68.98 ? 126 HOH A O   1 
HETATM 588 O  O   . HOH B 2 .  ? 7.609   15.330  -1.505  1.00 40.20 ? 127 HOH A O   1 
HETATM 589 O  O   . HOH B 2 .  ? 6.582   14.930  -5.212  1.00 45.36 ? 128 HOH A O   1 
HETATM 590 O  O   . HOH B 2 .  ? 12.584  12.471  -1.982  1.00 42.76 ? 129 HOH A O   1 
# 
